data_8XPU
#
_entry.id   8XPU
#
_cell.length_a   1.00
_cell.length_b   1.00
_cell.length_c   1.00
_cell.angle_alpha   90.00
_cell.angle_beta   90.00
_cell.angle_gamma   90.00
#
_symmetry.space_group_name_H-M   'P 1'
#
loop_
_entity.id
_entity.type
_entity.pdbx_description
1 polymer 'Isoform 5 of Amino acid transporter heavy chain SLC3A2'
2 polymer 'Large neutral amino acids transporter small subunit 1'
3 branched 2-acetamido-2-deoxy-beta-D-glucopyranose-(1-4)-2-acetamido-2-deoxy-beta-D-glucopyranose
4 non-polymer Nanvuranlat
#
loop_
_entity_poly.entity_id
_entity_poly.type
_entity_poly.pdbx_seq_one_letter_code
_entity_poly.pdbx_strand_id
1 'polypeptide(L)'
;MAHHHHHHHHHHSGRELQPPEASIAVVSIPRQLPGSHSEAGVQGLSAGDDSETGSDCVTQAGLQLLASSDPPALASKNAE
VTVETGFHHVSQADIEFLTSIDPTASASGSAGITGTMSQDTEVDMKEVELNELEPEKQPMNAASGAAMSLAGAEKNGLVK
IKVAEDEAEAAAAAKFTGLSKEELLKVAGSPGWVRTRWALLLLFWLGWLGMLAGAVVIIVRAPRCRELPAQKWWHTGALY
RIGDLQAFQGHGAGNLAGLKGRLDYLSSLKVKGLVLGPIHKNQKDDVAQTDLLQIDPNFGSKEDFDSLLQSAKKKSIRVI
LDLTPNYRGENSWFSTQVDTVATKVKDALEFWLQAGVDGFQVRDIENLKDASSFLAEWQNITKGFSEDRLLIAGTNSSDL
QQILSLLESNKDLLLTSSYLSDSGSTGEHTKSLVTQYLNATGNRWCSWSLSQARLLTSFLPAQLLRLYQLMLFTLPGTPV
FSYGDEIGLDAAALPGQPMEAPVMLWDESSFPDIPGAVSANMTVKGQSEDPGSLLSLFRRLSDQRSKERSLLHGDFHAFS
AGPGLFSYIRHWDQNERFLVVLNFGDVGLSAGLQASDLPASASLPAKADLLLSTQPGREEGSPLELERLKLEPHEGLLLR
FPYAALE
;
A
2 'polypeptide(L)'
;MADYKDDDDKSGPDEVDASGRAGAGPKRRALAAPAAEEKEEAREKMLAAKSADGSAPAGEGEGVTLQRNITLLNGVAIIV
GTIIGSGIFVTPTGVLKEAGSPGLALVVWAACGVFSIVGALCYAELGTTISKSGGDYAYMLEVYGSLPAFLKLWIELLII
RPSSQYIVALVFATYLLKPLFPTCPVPEEAAKLVACLCVLLLTAVNCYSVKAATRVQDAFAAAKLLALALIILLGFVQIG
KGDVSNLDPNFSFEGTKLDVGNIVLALYSGLFAYGGWNYLNFVTEEMINPYRNLPLAIIISLPIVTLVYVLTNLAYFTTL
STEQMLSSEAVAVDFGNYHLGVMSWIIPVFVGLSCFGSVNGSLFTSSRLFFVGSREGHLPSILSMIHPQLLTPVPSLVFT
CVMTLLYAFSKDIFSVINFFSFFNWLCVALAIIGMIWLRHRKPELERPIKVNLALPVFFILACLFLIAVSFWKTPVECGI
GFTIILSGLPVYFFGVWWKNKPKWLLQGIFSTTVLCQKLMQVVPQET
;
B
#
loop_
_chem_comp.id
_chem_comp.type
_chem_comp.name
_chem_comp.formula
NAG D-saccharide, beta linking 2-acetamido-2-deoxy-beta-D-glucopyranose 'C8 H15 N O6'
VRW non-polymer Nanvuranlat 'C23 H19 Cl2 N3 O4'
#
# COMPACT_ATOMS: atom_id res chain seq x y z
N PHE A 176 36.38 -36.82 -10.60
CA PHE A 176 35.45 -36.82 -9.48
C PHE A 176 36.20 -36.77 -8.15
N THR A 177 37.18 -37.65 -8.00
CA THR A 177 37.98 -37.73 -6.77
C THR A 177 39.01 -36.61 -6.67
N GLY A 178 39.01 -35.66 -7.59
CA GLY A 178 39.98 -34.59 -7.57
C GLY A 178 41.07 -34.77 -8.61
N LEU A 179 41.01 -33.98 -9.68
CA LEU A 179 41.99 -34.09 -10.75
C LEU A 179 43.36 -33.64 -10.26
N SER A 180 44.40 -34.12 -10.95
CA SER A 180 45.77 -33.80 -10.57
C SER A 180 46.04 -32.31 -10.66
N LYS A 181 46.76 -31.80 -9.66
CA LYS A 181 47.01 -30.37 -9.50
C LYS A 181 48.04 -29.81 -10.47
N GLU A 182 49.12 -30.55 -10.73
CA GLU A 182 50.27 -29.97 -11.42
C GLU A 182 50.18 -30.10 -12.95
N GLU A 183 49.90 -31.30 -13.45
CA GLU A 183 49.84 -31.50 -14.89
C GLU A 183 48.71 -30.69 -15.51
N LEU A 184 47.58 -30.57 -14.80
CA LEU A 184 46.50 -29.74 -15.29
C LEU A 184 46.93 -28.28 -15.41
N LEU A 185 47.69 -27.79 -14.42
CA LEU A 185 48.18 -26.41 -14.49
C LEU A 185 49.14 -26.23 -15.66
N LYS A 186 50.06 -27.19 -15.86
CA LYS A 186 51.09 -27.01 -16.87
C LYS A 186 50.56 -27.20 -18.29
N VAL A 187 49.53 -28.03 -18.47
CA VAL A 187 49.00 -28.25 -19.82
C VAL A 187 48.25 -27.02 -20.31
N ALA A 188 47.64 -26.26 -19.40
CA ALA A 188 46.83 -25.11 -19.77
C ALA A 188 47.69 -23.86 -19.98
N GLY A 189 48.60 -23.96 -20.94
CA GLY A 189 49.45 -22.84 -21.30
C GLY A 189 49.70 -22.76 -22.79
N SER A 190 49.09 -23.65 -23.55
CA SER A 190 49.31 -23.70 -24.99
C SER A 190 48.66 -22.49 -25.66
N PRO A 191 49.38 -21.78 -26.53
CA PRO A 191 48.77 -20.69 -27.29
C PRO A 191 47.59 -21.19 -28.10
N GLY A 192 46.57 -20.34 -28.23
CA GLY A 192 45.33 -20.71 -28.87
C GLY A 192 44.24 -21.18 -27.94
N TRP A 193 44.57 -21.45 -26.67
CA TRP A 193 43.58 -21.79 -25.66
C TRP A 193 43.64 -20.89 -24.44
N VAL A 194 44.80 -20.33 -24.10
CA VAL A 194 44.84 -19.29 -23.08
C VAL A 194 44.13 -18.05 -23.57
N ARG A 195 44.27 -17.72 -24.86
CA ARG A 195 43.54 -16.62 -25.45
C ARG A 195 42.04 -16.90 -25.53
N THR A 196 41.64 -18.17 -25.50
CA THR A 196 40.22 -18.50 -25.56
C THR A 196 39.48 -17.98 -24.33
N ARG A 197 40.07 -18.12 -23.15
CA ARG A 197 39.44 -17.60 -21.94
C ARG A 197 39.40 -16.07 -21.95
N TRP A 198 40.44 -15.43 -22.52
CA TRP A 198 40.41 -13.98 -22.68
C TRP A 198 39.27 -13.55 -23.60
N ALA A 199 39.10 -14.28 -24.70
CA ALA A 199 38.02 -13.97 -25.63
C ALA A 199 36.66 -14.17 -24.98
N LEU A 200 36.50 -15.24 -24.19
CA LEU A 200 35.23 -15.47 -23.52
C LEU A 200 34.94 -14.38 -22.48
N LEU A 201 35.96 -13.95 -21.74
CA LEU A 201 35.76 -12.87 -20.79
C LEU A 201 35.37 -11.57 -21.49
N LEU A 202 36.03 -11.26 -22.61
CA LEU A 202 35.68 -10.06 -23.37
C LEU A 202 34.28 -10.16 -23.94
N LEU A 203 33.88 -11.35 -24.39
CA LEU A 203 32.52 -11.55 -24.89
C LEU A 203 31.50 -11.32 -23.77
N PHE A 204 31.78 -11.83 -22.57
CA PHE A 204 30.88 -11.62 -21.45
C PHE A 204 30.75 -10.13 -21.12
N TRP A 205 31.88 -9.42 -21.09
CA TRP A 205 31.82 -8.00 -20.75
C TRP A 205 31.10 -7.19 -21.83
N LEU A 206 31.33 -7.51 -23.10
CA LEU A 206 30.63 -6.78 -24.15
C LEU A 206 29.15 -7.11 -24.18
N GLY A 207 28.78 -8.34 -23.85
CA GLY A 207 27.37 -8.66 -23.71
C GLY A 207 26.70 -7.92 -22.57
N TRP A 208 27.40 -7.81 -21.44
CA TRP A 208 26.87 -7.02 -20.33
C TRP A 208 26.70 -5.56 -20.72
N LEU A 209 27.68 -4.99 -21.43
CA LEU A 209 27.56 -3.60 -21.88
C LEU A 209 26.41 -3.44 -22.86
N GLY A 210 26.22 -4.40 -23.77
CA GLY A 210 25.11 -4.33 -24.70
C GLY A 210 23.76 -4.39 -24.00
N MET A 211 23.63 -5.26 -23.00
CA MET A 211 22.38 -5.34 -22.25
C MET A 211 22.14 -4.05 -21.48
N LEU A 212 23.20 -3.45 -20.91
CA LEU A 212 23.04 -2.17 -20.23
C LEU A 212 22.56 -1.09 -21.20
N ALA A 213 23.15 -1.04 -22.39
CA ALA A 213 22.73 -0.04 -23.37
C ALA A 213 21.28 -0.27 -23.80
N GLY A 214 20.89 -1.53 -23.98
CA GLY A 214 19.50 -1.82 -24.31
C GLY A 214 18.54 -1.40 -23.22
N ALA A 215 18.91 -1.63 -21.95
CA ALA A 215 18.07 -1.19 -20.84
C ALA A 215 17.94 0.32 -20.82
N VAL A 216 19.04 1.04 -21.07
CA VAL A 216 19.00 2.50 -21.11
C VAL A 216 18.08 2.97 -22.24
N VAL A 217 18.20 2.34 -23.41
CA VAL A 217 17.35 2.71 -24.55
C VAL A 217 15.89 2.49 -24.22
N ILE A 218 15.57 1.36 -23.58
CA ILE A 218 14.18 1.08 -23.22
C ILE A 218 13.68 2.10 -22.20
N ILE A 219 14.52 2.47 -21.25
CA ILE A 219 14.12 3.46 -20.24
C ILE A 219 13.80 4.79 -20.89
N VAL A 220 14.66 5.25 -21.81
CA VAL A 220 14.46 6.55 -22.42
C VAL A 220 13.18 6.58 -23.25
N ARG A 221 12.94 5.54 -24.05
CA ARG A 221 11.80 5.50 -24.96
C ARG A 221 10.60 4.91 -24.23
N ALA A 222 10.01 5.71 -23.35
CA ALA A 222 8.85 5.30 -22.58
C ALA A 222 8.03 6.54 -22.20
N PRO A 223 6.71 6.43 -22.18
CA PRO A 223 5.90 7.58 -21.77
C PRO A 223 6.13 7.94 -20.31
N ARG A 224 6.06 9.23 -20.02
CA ARG A 224 6.33 9.78 -18.70
C ARG A 224 5.03 10.03 -17.95
N CYS A 225 5.14 10.13 -16.63
CA CYS A 225 4.00 10.50 -15.81
C CYS A 225 3.50 11.89 -16.20
N ARG A 226 2.18 12.01 -16.37
CA ARG A 226 1.61 13.24 -16.89
C ARG A 226 1.86 14.42 -15.95
N GLU A 227 1.19 14.41 -14.79
CA GLU A 227 1.29 15.48 -13.80
C GLU A 227 0.55 15.09 -12.52
N LEU A 228 0.47 16.02 -11.58
CA LEU A 228 -0.41 15.91 -10.43
C LEU A 228 -1.07 17.26 -10.22
N PRO A 229 -2.42 17.33 -10.18
CA PRO A 229 -3.09 18.63 -10.19
C PRO A 229 -2.98 19.41 -8.90
N ALA A 230 -2.45 18.82 -7.82
CA ALA A 230 -2.33 19.47 -6.52
C ALA A 230 -3.69 19.97 -6.05
N GLN A 231 -4.60 19.02 -5.86
CA GLN A 231 -5.98 19.34 -5.51
C GLN A 231 -6.07 19.86 -4.07
N LYS A 232 -7.10 20.66 -3.83
CA LYS A 232 -7.37 21.20 -2.52
C LYS A 232 -8.09 20.14 -1.67
N TRP A 233 -8.62 20.53 -0.50
CA TRP A 233 -9.22 19.55 0.37
C TRP A 233 -10.60 19.11 -0.09
N TRP A 234 -11.35 19.98 -0.76
CA TRP A 234 -12.71 19.66 -1.14
C TRP A 234 -12.80 18.88 -2.44
N HIS A 235 -11.68 18.61 -3.10
CA HIS A 235 -11.71 17.80 -4.32
C HIS A 235 -11.69 16.31 -4.05
N THR A 236 -11.49 15.89 -2.79
CA THR A 236 -11.21 14.50 -2.48
C THR A 236 -12.31 13.82 -1.67
N GLY A 237 -13.54 14.29 -1.76
CA GLY A 237 -14.60 13.66 -1.01
C GLY A 237 -15.92 14.38 -1.23
N ALA A 238 -16.93 13.92 -0.50
CA ALA A 238 -18.28 14.45 -0.60
C ALA A 238 -18.43 15.66 0.32
N LEU A 239 -19.66 16.12 0.47
CA LEU A 239 -19.99 17.20 1.40
C LEU A 239 -21.35 16.90 2.01
N TYR A 240 -21.48 17.15 3.30
CA TYR A 240 -22.67 16.81 4.08
C TYR A 240 -23.29 18.09 4.60
N ARG A 241 -24.58 18.28 4.33
CA ARG A 241 -25.29 19.49 4.71
C ARG A 241 -26.19 19.21 5.90
N ILE A 242 -26.12 20.06 6.91
CA ILE A 242 -26.96 19.96 8.10
C ILE A 242 -27.64 21.31 8.27
N GLY A 243 -28.86 21.43 7.76
CA GLY A 243 -29.55 22.72 7.82
C GLY A 243 -29.82 23.17 9.24
N ASP A 244 -30.32 22.26 10.07
CA ASP A 244 -30.56 22.55 11.48
C ASP A 244 -30.07 21.38 12.32
N LEU A 245 -29.33 21.69 13.37
CA LEU A 245 -28.81 20.64 14.25
C LEU A 245 -29.90 20.00 15.09
N GLN A 246 -31.03 20.70 15.29
CA GLN A 246 -32.09 20.16 16.13
C GLN A 246 -32.65 18.87 15.56
N ALA A 247 -32.88 18.84 14.25
CA ALA A 247 -33.44 17.63 13.64
C ALA A 247 -32.38 16.54 13.47
N PHE A 248 -31.14 16.93 13.19
CA PHE A 248 -30.08 15.93 13.04
C PHE A 248 -29.81 15.22 14.36
N GLN A 249 -29.87 15.96 15.47
CA GLN A 249 -29.57 15.40 16.79
C GLN A 249 -30.82 14.84 17.46
N GLY A 250 -31.82 15.68 17.67
CA GLY A 250 -33.03 15.32 18.35
C GLY A 250 -33.41 16.34 19.40
N HIS A 251 -34.51 16.08 20.08
CA HIS A 251 -35.00 17.00 21.09
C HIS A 251 -34.07 17.01 22.30
N GLY A 252 -33.90 18.20 22.89
CA GLY A 252 -33.06 18.36 24.06
C GLY A 252 -31.63 18.73 23.73
N ALA A 253 -30.92 17.83 23.06
CA ALA A 253 -29.51 18.04 22.72
C ALA A 253 -29.42 18.82 21.41
N GLY A 254 -29.83 20.07 21.46
CA GLY A 254 -29.77 20.98 20.33
C GLY A 254 -28.49 21.79 20.24
N ASN A 255 -27.51 21.54 21.11
CA ASN A 255 -26.29 22.30 21.13
C ASN A 255 -25.31 21.77 20.09
N LEU A 256 -24.24 22.55 19.85
CA LEU A 256 -23.20 22.12 18.92
C LEU A 256 -22.37 20.97 19.48
N ALA A 257 -22.15 20.94 20.79
CA ALA A 257 -21.36 19.89 21.40
C ALA A 257 -21.91 18.50 21.14
N GLY A 258 -23.22 18.38 20.91
CA GLY A 258 -23.80 17.09 20.56
C GLY A 258 -23.22 16.53 19.27
N LEU A 259 -22.95 17.40 18.29
CA LEU A 259 -22.26 16.95 17.09
C LEU A 259 -20.92 16.32 17.41
N LYS A 260 -20.27 16.74 18.49
CA LYS A 260 -19.03 16.11 18.91
C LYS A 260 -19.23 14.64 19.19
N GLY A 261 -20.40 14.26 19.70
CA GLY A 261 -20.70 12.85 19.89
C GLY A 261 -21.09 12.11 18.63
N ARG A 262 -21.39 12.84 17.56
CA ARG A 262 -21.86 12.23 16.31
C ARG A 262 -20.83 12.30 15.20
N LEU A 263 -19.77 13.10 15.34
CA LEU A 263 -18.78 13.22 14.27
C LEU A 263 -18.18 11.88 13.89
N ASP A 264 -18.01 10.97 14.84
CA ASP A 264 -17.51 9.64 14.51
C ASP A 264 -18.37 8.98 13.43
N TYR A 265 -19.69 9.07 13.58
CA TYR A 265 -20.58 8.53 12.55
C TYR A 265 -20.27 9.13 11.19
N LEU A 266 -20.07 10.44 11.15
CA LEU A 266 -19.74 11.08 9.88
C LEU A 266 -18.40 10.58 9.36
N SER A 267 -17.43 10.37 10.27
CA SER A 267 -16.16 9.81 9.84
C SER A 267 -16.33 8.40 9.32
N SER A 268 -17.39 7.71 9.72
CA SER A 268 -17.70 6.41 9.14
C SER A 268 -18.19 6.56 7.71
N LEU A 269 -18.92 7.64 7.42
CA LEU A 269 -19.43 7.87 6.07
C LEU A 269 -18.33 8.30 5.11
N LYS A 270 -17.17 8.72 5.63
CA LYS A 270 -16.06 9.21 4.82
C LYS A 270 -16.44 10.48 4.05
N VAL A 271 -16.97 11.46 4.77
CA VAL A 271 -17.29 12.76 4.20
C VAL A 271 -16.25 13.76 4.69
N LYS A 272 -15.59 14.44 3.74
CA LYS A 272 -14.53 15.37 4.03
C LYS A 272 -15.02 16.80 4.21
N GLY A 273 -16.29 16.98 4.56
CA GLY A 273 -16.84 18.30 4.75
C GLY A 273 -18.08 18.24 5.61
N LEU A 274 -18.51 19.41 6.06
CA LEU A 274 -19.68 19.51 6.91
C LEU A 274 -20.22 20.93 6.78
N VAL A 275 -21.29 21.10 6.00
CA VAL A 275 -21.85 22.44 5.76
C VAL A 275 -22.81 22.71 6.91
N LEU A 276 -22.23 23.18 8.01
CA LEU A 276 -23.02 23.45 9.21
C LEU A 276 -23.89 24.69 8.99
N GLY A 277 -25.17 24.58 9.35
CA GLY A 277 -26.13 25.59 9.03
C GLY A 277 -25.91 26.87 9.81
N PRO A 278 -26.67 27.90 9.46
CA PRO A 278 -26.51 29.20 10.12
C PRO A 278 -26.73 29.07 11.62
N ILE A 279 -25.92 29.78 12.40
CA ILE A 279 -25.99 29.69 13.85
C ILE A 279 -26.10 31.09 14.44
N HIS A 280 -25.92 32.11 13.61
CA HIS A 280 -26.04 33.48 14.10
C HIS A 280 -27.48 33.80 14.46
N LYS A 281 -27.65 34.75 15.39
CA LYS A 281 -28.97 35.03 15.93
C LYS A 281 -29.89 35.64 14.89
N ASN A 282 -31.15 35.19 14.91
CA ASN A 282 -32.21 35.74 14.06
C ASN A 282 -33.55 35.23 14.56
N GLN A 283 -34.49 36.15 14.79
CA GLN A 283 -35.80 35.76 15.31
C GLN A 283 -36.97 36.40 14.58
N LYS A 284 -36.75 37.40 13.73
CA LYS A 284 -37.81 38.05 12.98
C LYS A 284 -37.19 38.73 11.77
N ASP A 285 -37.99 39.56 11.09
CA ASP A 285 -37.51 40.30 9.93
C ASP A 285 -36.76 41.58 10.31
N ASP A 286 -36.36 41.72 11.56
CA ASP A 286 -35.63 42.90 12.00
C ASP A 286 -34.20 42.88 11.44
N VAL A 287 -33.60 44.07 11.40
CA VAL A 287 -32.24 44.21 10.91
C VAL A 287 -31.27 44.75 11.95
N ALA A 288 -31.75 45.49 12.96
CA ALA A 288 -30.84 46.11 13.91
C ALA A 288 -30.24 45.09 14.86
N GLN A 289 -31.08 44.39 15.62
CA GLN A 289 -30.59 43.45 16.63
C GLN A 289 -30.29 42.07 16.08
N THR A 290 -30.50 41.85 14.78
CA THR A 290 -30.16 40.59 14.13
C THR A 290 -28.85 40.80 13.37
N ASP A 291 -27.77 40.20 13.87
CA ASP A 291 -26.45 40.33 13.28
C ASP A 291 -25.76 38.98 13.27
N LEU A 292 -24.79 38.83 12.36
CA LEU A 292 -24.03 37.60 12.22
C LEU A 292 -22.65 37.69 12.86
N LEU A 293 -22.48 38.60 13.82
CA LEU A 293 -21.17 38.77 14.46
C LEU A 293 -20.88 37.64 15.45
N GLN A 294 -21.88 37.25 16.25
CA GLN A 294 -21.68 36.22 17.26
C GLN A 294 -22.86 35.27 17.26
N ILE A 295 -22.65 34.10 17.87
CA ILE A 295 -23.57 32.98 17.79
C ILE A 295 -24.79 33.23 18.66
N ASP A 296 -25.90 32.58 18.30
CA ASP A 296 -27.11 32.63 19.11
C ASP A 296 -26.89 31.97 20.46
N PRO A 297 -27.36 32.56 21.56
CA PRO A 297 -27.14 31.95 22.88
C PRO A 297 -27.75 30.56 23.02
N ASN A 298 -28.89 30.31 22.38
CA ASN A 298 -29.52 29.00 22.50
C ASN A 298 -28.71 27.92 21.82
N PHE A 299 -28.04 28.24 20.71
CA PHE A 299 -27.26 27.23 19.99
C PHE A 299 -26.10 26.71 20.83
N GLY A 300 -25.41 27.60 21.54
CA GLY A 300 -24.30 27.19 22.37
C GLY A 300 -23.41 28.32 22.83
N SER A 301 -22.10 28.13 22.74
CA SER A 301 -21.12 29.12 23.17
C SER A 301 -19.93 29.10 22.22
N LYS A 302 -19.19 30.21 22.22
CA LYS A 302 -18.02 30.33 21.37
C LYS A 302 -16.95 29.31 21.73
N GLU A 303 -16.73 29.09 23.04
CA GLU A 303 -15.76 28.09 23.46
C GLU A 303 -16.18 26.70 23.01
N ASP A 304 -17.48 26.39 23.10
CA ASP A 304 -17.98 25.12 22.59
C ASP A 304 -17.77 24.99 21.09
N PHE A 305 -17.96 26.09 20.36
CA PHE A 305 -17.77 26.04 18.91
C PHE A 305 -16.29 25.80 18.57
N ASP A 306 -15.39 26.41 19.33
CA ASP A 306 -13.96 26.15 19.15
C ASP A 306 -13.62 24.71 19.51
N SER A 307 -14.27 24.16 20.53
CA SER A 307 -14.07 22.75 20.86
C SER A 307 -14.53 21.86 19.71
N LEU A 308 -15.66 22.20 19.09
CA LEU A 308 -16.12 21.46 17.93
C LEU A 308 -15.12 21.56 16.78
N LEU A 309 -14.56 22.76 16.57
CA LEU A 309 -13.55 22.92 15.53
C LEU A 309 -12.33 22.05 15.78
N GLN A 310 -11.84 22.03 17.03
CA GLN A 310 -10.64 21.25 17.30
C GLN A 310 -10.93 19.75 17.22
N SER A 311 -12.12 19.33 17.64
CA SER A 311 -12.49 17.92 17.50
C SER A 311 -12.60 17.52 16.03
N ALA A 312 -13.17 18.39 15.19
CA ALA A 312 -13.24 18.10 13.76
C ALA A 312 -11.85 18.07 13.14
N LYS A 313 -10.98 18.99 13.53
CA LYS A 313 -9.61 19.02 13.00
C LYS A 313 -8.86 17.76 13.38
N LYS A 314 -9.04 17.30 14.61
CA LYS A 314 -8.43 16.03 15.02
C LYS A 314 -8.96 14.87 14.19
N LYS A 315 -10.23 14.92 13.80
CA LYS A 315 -10.86 13.86 13.03
C LYS A 315 -10.70 14.03 11.53
N SER A 316 -10.00 15.09 11.09
CA SER A 316 -9.76 15.36 9.66
C SER A 316 -11.07 15.67 8.93
N ILE A 317 -11.90 16.51 9.55
CA ILE A 317 -13.16 16.95 8.98
C ILE A 317 -13.16 18.47 8.99
N ARG A 318 -13.47 19.07 7.83
CA ARG A 318 -13.46 20.52 7.67
C ARG A 318 -14.87 21.06 7.77
N VAL A 319 -15.07 22.02 8.66
CA VAL A 319 -16.39 22.58 8.93
C VAL A 319 -16.56 23.87 8.12
N ILE A 320 -17.62 23.93 7.33
CA ILE A 320 -17.95 25.09 6.51
C ILE A 320 -19.12 25.81 7.15
N LEU A 321 -19.01 27.11 7.32
CA LEU A 321 -20.06 27.88 7.97
C LEU A 321 -21.03 28.42 6.93
N ASP A 322 -22.11 29.02 7.41
CA ASP A 322 -23.14 29.63 6.57
C ASP A 322 -23.49 31.01 7.11
N LEU A 323 -23.62 31.98 6.21
CA LEU A 323 -23.93 33.36 6.61
C LEU A 323 -25.06 33.94 5.77
N THR A 324 -26.15 33.21 5.63
CA THR A 324 -27.33 33.82 5.04
C THR A 324 -27.96 34.74 6.08
N PRO A 325 -28.02 36.04 5.84
CA PRO A 325 -28.45 36.97 6.91
C PRO A 325 -29.83 36.69 7.45
N ASN A 326 -30.78 36.31 6.61
CA ASN A 326 -32.14 36.01 7.04
C ASN A 326 -32.56 34.68 6.47
N TYR A 327 -33.06 33.79 7.34
CA TYR A 327 -33.52 32.48 6.90
C TYR A 327 -34.90 32.11 7.44
N ARG A 328 -35.45 32.89 8.36
CA ARG A 328 -36.79 32.60 8.90
C ARG A 328 -37.89 33.19 8.02
N GLY A 329 -37.77 34.47 7.66
CA GLY A 329 -38.77 35.09 6.83
C GLY A 329 -38.62 34.75 5.36
N GLU A 330 -39.65 35.12 4.59
CA GLU A 330 -39.60 34.91 3.15
C GLU A 330 -38.49 35.74 2.51
N ASN A 331 -38.33 36.98 2.96
CA ASN A 331 -37.26 37.85 2.47
C ASN A 331 -35.94 37.34 3.03
N SER A 332 -35.21 36.58 2.21
CA SER A 332 -34.04 35.87 2.70
C SER A 332 -32.77 36.71 2.72
N TRP A 333 -32.76 37.89 2.08
CA TRP A 333 -31.54 38.68 2.05
C TRP A 333 -31.80 40.17 2.21
N PHE A 334 -32.83 40.53 2.97
CA PHE A 334 -33.03 41.92 3.41
C PHE A 334 -33.15 42.87 2.21
N SER A 335 -34.27 42.73 1.50
CA SER A 335 -34.51 43.45 0.25
C SER A 335 -34.47 44.96 0.41
N THR A 336 -34.21 45.44 1.64
CA THR A 336 -33.93 46.85 1.88
C THR A 336 -32.49 47.14 1.45
N GLN A 337 -31.96 48.28 1.87
CA GLN A 337 -30.62 48.69 1.45
C GLN A 337 -29.60 47.59 1.72
N VAL A 338 -28.72 47.37 0.75
CA VAL A 338 -27.81 46.22 0.77
C VAL A 338 -26.39 46.59 1.13
N ASP A 339 -26.08 47.88 1.34
CA ASP A 339 -24.74 48.24 1.79
C ASP A 339 -24.47 47.70 3.18
N THR A 340 -25.46 47.78 4.08
CA THR A 340 -25.25 47.36 5.46
C THR A 340 -24.96 45.86 5.55
N VAL A 341 -25.73 45.04 4.83
CA VAL A 341 -25.53 43.60 4.90
C VAL A 341 -24.20 43.21 4.26
N ALA A 342 -23.82 43.87 3.18
CA ALA A 342 -22.52 43.59 2.56
C ALA A 342 -21.38 43.94 3.51
N THR A 343 -21.47 45.10 4.19
CA THR A 343 -20.45 45.46 5.15
C THR A 343 -20.40 44.46 6.31
N LYS A 344 -21.57 44.04 6.80
CA LYS A 344 -21.60 43.07 7.89
C LYS A 344 -20.98 41.75 7.48
N VAL A 345 -21.26 41.29 6.26
CA VAL A 345 -20.67 40.05 5.78
C VAL A 345 -19.16 40.18 5.63
N LYS A 346 -18.70 41.28 5.04
CA LYS A 346 -17.26 41.47 4.87
C LYS A 346 -16.55 41.66 6.20
N ASP A 347 -17.26 42.10 7.24
CA ASP A 347 -16.66 42.23 8.56
C ASP A 347 -16.66 40.92 9.34
N ALA A 348 -17.69 40.08 9.17
CA ALA A 348 -17.72 38.79 9.84
C ALA A 348 -16.86 37.75 9.13
N LEU A 349 -16.51 37.98 7.87
CA LEU A 349 -15.72 37.02 7.11
C LEU A 349 -14.37 36.76 7.80
N GLU A 350 -13.51 37.77 7.87
CA GLU A 350 -12.20 37.55 8.47
C GLU A 350 -12.31 37.17 9.94
N PHE A 351 -13.38 37.61 10.61
CA PHE A 351 -13.65 37.15 11.98
C PHE A 351 -13.69 35.63 12.01
N TRP A 352 -14.54 35.04 11.17
CA TRP A 352 -14.63 33.58 11.17
C TRP A 352 -13.41 32.91 10.56
N LEU A 353 -12.66 33.61 9.71
CA LEU A 353 -11.40 33.06 9.22
C LEU A 353 -10.40 32.87 10.35
N GLN A 354 -10.15 33.92 11.14
CA GLN A 354 -9.27 33.73 12.30
C GLN A 354 -9.91 32.85 13.36
N ALA A 355 -11.24 32.67 13.33
CA ALA A 355 -11.86 31.70 14.21
C ALA A 355 -11.38 30.28 13.90
N GLY A 356 -11.24 29.94 12.62
CA GLY A 356 -10.66 28.67 12.24
C GLY A 356 -11.46 27.87 11.23
N VAL A 357 -12.57 28.41 10.75
CA VAL A 357 -13.38 27.68 9.78
C VAL A 357 -12.64 27.59 8.44
N ASP A 358 -13.05 26.63 7.62
CA ASP A 358 -12.36 26.30 6.38
C ASP A 358 -13.21 26.57 5.14
N GLY A 359 -14.22 27.43 5.24
CA GLY A 359 -15.07 27.69 4.11
C GLY A 359 -16.30 28.46 4.52
N PHE A 360 -17.04 28.91 3.50
CA PHE A 360 -18.26 29.67 3.71
C PHE A 360 -19.31 29.28 2.68
N GLN A 361 -20.58 29.52 3.02
CA GLN A 361 -21.68 29.30 2.09
C GLN A 361 -22.70 30.42 2.25
N VAL A 362 -23.20 30.92 1.13
CA VAL A 362 -24.27 31.90 1.11
C VAL A 362 -25.39 31.38 0.22
N ARG A 363 -26.60 31.30 0.75
CA ARG A 363 -27.73 30.72 0.05
C ARG A 363 -28.66 31.81 -0.45
N ASP A 364 -29.52 31.43 -1.39
CA ASP A 364 -30.52 32.32 -1.98
C ASP A 364 -29.85 33.54 -2.64
N ILE A 365 -28.90 33.25 -3.52
CA ILE A 365 -28.12 34.31 -4.16
C ILE A 365 -28.95 35.17 -5.09
N GLU A 366 -30.15 34.73 -5.48
CA GLU A 366 -31.01 35.50 -6.37
C GLU A 366 -31.73 36.64 -5.66
N ASN A 367 -31.67 36.71 -4.33
CA ASN A 367 -32.37 37.78 -3.62
C ASN A 367 -31.49 39.02 -3.52
N LEU A 368 -30.20 38.84 -3.29
CA LEU A 368 -29.28 39.96 -3.14
C LEU A 368 -28.96 40.57 -4.50
N LYS A 369 -29.05 41.89 -4.59
CA LYS A 369 -28.88 42.58 -5.85
C LYS A 369 -27.43 42.57 -6.31
N ASP A 370 -27.24 42.63 -7.63
CA ASP A 370 -25.95 42.61 -8.30
C ASP A 370 -24.99 41.60 -7.65
N ALA A 371 -25.43 40.34 -7.65
CA ALA A 371 -24.72 39.28 -6.94
C ALA A 371 -23.33 39.02 -7.48
N SER A 372 -23.07 39.31 -8.76
CA SER A 372 -21.78 38.96 -9.35
C SER A 372 -20.63 39.73 -8.69
N SER A 373 -20.80 41.04 -8.50
CA SER A 373 -19.75 41.84 -7.92
C SER A 373 -19.48 41.47 -6.47
N PHE A 374 -20.53 41.26 -5.68
CA PHE A 374 -20.36 40.87 -4.28
C PHE A 374 -19.72 39.51 -4.17
N LEU A 375 -20.13 38.56 -5.02
CA LEU A 375 -19.53 37.24 -5.00
C LEU A 375 -18.06 37.31 -5.38
N ALA A 376 -17.72 38.14 -6.37
CA ALA A 376 -16.32 38.30 -6.75
C ALA A 376 -15.51 38.89 -5.61
N GLU A 377 -16.05 39.89 -4.92
CA GLU A 377 -15.33 40.49 -3.80
C GLU A 377 -15.12 39.49 -2.67
N TRP A 378 -16.17 38.73 -2.33
CA TRP A 378 -16.04 37.75 -1.24
C TRP A 378 -15.07 36.65 -1.60
N GLN A 379 -15.12 36.16 -2.84
CA GLN A 379 -14.15 35.17 -3.28
C GLN A 379 -12.74 35.73 -3.22
N ASN A 380 -12.57 36.99 -3.61
CA ASN A 380 -11.24 37.61 -3.60
C ASN A 380 -10.68 37.67 -2.19
N ILE A 381 -11.48 38.14 -1.22
CA ILE A 381 -10.95 38.26 0.14
C ILE A 381 -10.68 36.86 0.72
N THR A 382 -11.60 35.92 0.52
CA THR A 382 -11.43 34.59 1.09
C THR A 382 -10.20 33.90 0.51
N LYS A 383 -9.98 34.00 -0.80
CA LYS A 383 -8.80 33.39 -1.41
C LYS A 383 -7.53 34.17 -1.14
N GLY A 384 -7.63 35.46 -0.80
CA GLY A 384 -6.46 36.20 -0.38
C GLY A 384 -6.02 35.87 1.02
N PHE A 385 -6.96 35.49 1.89
CA PHE A 385 -6.57 35.05 3.22
C PHE A 385 -5.72 33.79 3.17
N SER A 386 -6.12 32.82 2.36
CA SER A 386 -5.37 31.57 2.26
C SER A 386 -5.68 30.89 0.94
N GLU A 387 -4.84 29.93 0.58
CA GLU A 387 -5.01 29.14 -0.62
C GLU A 387 -5.90 27.92 -0.42
N ASP A 388 -6.28 27.64 0.83
CA ASP A 388 -7.11 26.47 1.12
C ASP A 388 -8.43 26.88 1.75
N ARG A 389 -9.09 27.87 1.15
CA ARG A 389 -10.41 28.32 1.57
C ARG A 389 -11.39 28.14 0.42
N LEU A 390 -12.67 28.02 0.79
CA LEU A 390 -13.73 27.68 -0.14
C LEU A 390 -14.97 28.53 0.13
N LEU A 391 -15.64 28.94 -0.95
CA LEU A 391 -16.88 29.68 -0.83
C LEU A 391 -17.92 29.07 -1.76
N ILE A 392 -19.14 28.91 -1.25
CA ILE A 392 -20.24 28.27 -1.96
C ILE A 392 -21.39 29.27 -2.10
N ALA A 393 -22.04 29.24 -3.25
CA ALA A 393 -23.23 30.04 -3.47
C ALA A 393 -24.40 29.13 -3.80
N GLY A 394 -25.60 29.53 -3.36
CA GLY A 394 -26.79 28.77 -3.63
C GLY A 394 -27.88 29.56 -4.31
N THR A 395 -28.32 29.10 -5.48
CA THR A 395 -29.35 29.78 -6.25
C THR A 395 -30.50 28.81 -6.53
N ASN A 396 -31.68 29.38 -6.78
CA ASN A 396 -32.89 28.61 -7.01
C ASN A 396 -33.34 28.63 -8.47
N SER A 397 -32.41 28.80 -9.40
CA SER A 397 -32.72 28.91 -10.82
C SER A 397 -32.19 27.70 -11.57
N SER A 398 -33.00 27.14 -12.45
CA SER A 398 -32.63 25.97 -13.24
C SER A 398 -32.21 26.31 -14.66
N ASP A 399 -32.04 27.60 -14.97
CA ASP A 399 -31.66 28.02 -16.30
C ASP A 399 -30.14 28.08 -16.42
N LEU A 400 -29.60 27.43 -17.46
CA LEU A 400 -28.16 27.37 -17.63
C LEU A 400 -27.56 28.75 -17.90
N GLN A 401 -28.28 29.60 -18.64
CA GLN A 401 -27.75 30.90 -19.00
C GLN A 401 -27.52 31.77 -17.77
N GLN A 402 -28.46 31.76 -16.82
CA GLN A 402 -28.30 32.54 -15.61
C GLN A 402 -27.09 32.08 -14.80
N ILE A 403 -26.94 30.76 -14.65
CA ILE A 403 -25.81 30.21 -13.89
C ILE A 403 -24.50 30.58 -14.56
N LEU A 404 -24.43 30.44 -15.89
CA LEU A 404 -23.22 30.77 -16.62
C LEU A 404 -22.88 32.25 -16.49
N SER A 405 -23.90 33.11 -16.56
CA SER A 405 -23.66 34.54 -16.40
C SER A 405 -23.17 34.86 -14.99
N LEU A 406 -23.65 34.12 -13.99
CA LEU A 406 -23.17 34.33 -12.63
C LEU A 406 -21.70 33.98 -12.50
N LEU A 407 -21.26 32.90 -13.17
CA LEU A 407 -19.88 32.42 -13.07
C LEU A 407 -18.92 33.15 -14.00
N GLU A 408 -19.28 34.33 -14.49
CA GLU A 408 -18.43 35.04 -15.44
C GLU A 408 -17.29 35.76 -14.74
N SER A 409 -17.61 36.68 -13.84
CA SER A 409 -16.57 37.51 -13.20
C SER A 409 -15.62 36.66 -12.37
N ASN A 410 -16.15 35.68 -11.64
CA ASN A 410 -15.35 34.81 -10.78
C ASN A 410 -15.44 33.37 -11.26
N LYS A 411 -14.36 32.62 -11.03
CA LYS A 411 -14.25 31.26 -11.54
C LYS A 411 -13.97 30.21 -10.48
N ASP A 412 -13.38 30.57 -9.34
CA ASP A 412 -13.15 29.61 -8.27
C ASP A 412 -14.42 29.29 -7.50
N LEU A 413 -15.54 29.91 -7.86
CA LEU A 413 -16.80 29.70 -7.15
C LEU A 413 -17.25 28.25 -7.22
N LEU A 414 -17.84 27.78 -6.12
CA LEU A 414 -18.59 26.52 -6.10
C LEU A 414 -20.07 26.88 -6.03
N LEU A 415 -20.81 26.59 -7.09
CA LEU A 415 -22.19 27.00 -7.21
C LEU A 415 -23.09 25.78 -7.22
N THR A 416 -24.04 25.72 -6.30
CA THR A 416 -25.02 24.65 -6.22
C THR A 416 -26.38 25.19 -6.61
N SER A 417 -27.03 24.55 -7.59
CA SER A 417 -28.29 25.01 -8.12
C SER A 417 -29.23 23.84 -8.32
N SER A 418 -30.53 24.11 -8.31
CA SER A 418 -31.55 23.10 -8.57
C SER A 418 -31.66 22.74 -10.04
N TYR A 419 -30.67 23.14 -10.85
CA TYR A 419 -30.71 22.90 -12.29
C TYR A 419 -30.63 21.43 -12.64
N LEU A 420 -29.97 20.63 -11.79
CA LEU A 420 -29.71 19.23 -12.16
C LEU A 420 -30.99 18.43 -12.27
N SER A 421 -31.93 18.60 -11.33
CA SER A 421 -33.07 17.70 -11.29
C SER A 421 -33.95 17.83 -12.52
N ASP A 422 -34.70 18.92 -12.63
CA ASP A 422 -35.44 19.32 -13.83
C ASP A 422 -36.25 18.17 -14.44
N SER A 423 -36.51 17.11 -13.68
CA SER A 423 -37.03 15.89 -14.29
C SER A 423 -37.71 15.05 -13.20
N GLY A 424 -37.93 13.77 -13.51
CA GLY A 424 -38.68 12.87 -12.67
C GLY A 424 -39.44 11.86 -13.50
N SER A 425 -39.48 12.11 -14.82
CA SER A 425 -40.08 11.16 -15.76
C SER A 425 -39.30 11.09 -17.07
N THR A 426 -38.06 11.58 -17.10
CA THR A 426 -37.26 11.59 -18.31
C THR A 426 -35.86 11.07 -18.02
N GLY A 427 -35.32 10.28 -18.95
CA GLY A 427 -34.03 9.65 -18.74
C GLY A 427 -32.86 10.29 -19.47
N GLU A 428 -33.03 10.61 -20.74
CA GLU A 428 -31.95 11.24 -21.50
C GLU A 428 -31.76 12.70 -21.15
N HIS A 429 -32.76 13.32 -20.50
CA HIS A 429 -32.65 14.72 -20.12
C HIS A 429 -31.47 14.95 -19.19
N THR A 430 -31.26 14.04 -18.23
CA THR A 430 -30.15 14.20 -17.30
C THR A 430 -28.81 14.19 -18.02
N LYS A 431 -28.63 13.26 -18.97
CA LYS A 431 -27.41 13.24 -19.75
C LYS A 431 -27.24 14.54 -20.54
N SER A 432 -28.33 15.02 -21.13
CA SER A 432 -28.25 16.25 -21.90
C SER A 432 -27.80 17.41 -21.03
N LEU A 433 -28.42 17.56 -19.86
CA LEU A 433 -28.03 18.67 -18.97
C LEU A 433 -26.59 18.54 -18.50
N VAL A 434 -26.17 17.34 -18.12
CA VAL A 434 -24.80 17.16 -17.61
C VAL A 434 -23.79 17.52 -18.70
N THR A 435 -23.98 16.98 -19.90
CA THR A 435 -23.03 17.25 -20.98
C THR A 435 -23.04 18.72 -21.37
N GLN A 436 -24.22 19.34 -21.43
CA GLN A 436 -24.29 20.74 -21.80
C GLN A 436 -23.60 21.62 -20.77
N TYR A 437 -23.82 21.34 -19.48
CA TYR A 437 -23.17 22.12 -18.43
C TYR A 437 -21.65 21.97 -18.49
N LEU A 438 -21.18 20.74 -18.67
CA LEU A 438 -19.73 20.52 -18.74
C LEU A 438 -19.12 21.21 -19.94
N ASN A 439 -19.81 21.19 -21.09
CA ASN A 439 -19.29 21.84 -22.28
C ASN A 439 -19.28 23.35 -22.13
N ALA A 440 -20.36 23.92 -21.58
CA ALA A 440 -20.44 25.37 -21.46
C ALA A 440 -19.45 25.90 -20.44
N THR A 441 -19.26 25.20 -19.32
CA THR A 441 -18.34 25.67 -18.30
C THR A 441 -16.88 25.42 -18.62
N GLY A 442 -16.60 24.65 -19.67
CA GLY A 442 -15.22 24.41 -20.06
C GLY A 442 -14.54 23.26 -19.37
N ASN A 443 -15.29 22.22 -18.98
CA ASN A 443 -14.73 21.03 -18.33
C ASN A 443 -13.94 21.42 -17.08
N ARG A 444 -14.52 22.30 -16.29
CA ARG A 444 -13.89 22.79 -15.08
C ARG A 444 -14.47 22.09 -13.85
N TRP A 445 -14.09 22.55 -12.67
CA TRP A 445 -14.61 21.99 -11.43
C TRP A 445 -15.97 22.57 -11.12
N CYS A 446 -16.91 21.69 -10.77
CA CYS A 446 -18.28 22.11 -10.46
C CYS A 446 -18.81 21.21 -9.36
N SER A 447 -19.84 21.69 -8.69
CA SER A 447 -20.52 20.94 -7.64
C SER A 447 -21.75 20.27 -8.21
N TRP A 448 -21.89 18.97 -7.96
CA TRP A 448 -22.99 18.17 -8.47
C TRP A 448 -23.98 17.90 -7.34
N SER A 449 -25.05 18.69 -7.28
CA SER A 449 -26.06 18.56 -6.24
C SER A 449 -27.45 18.65 -6.87
N LEU A 450 -28.42 18.03 -6.22
CA LEU A 450 -29.80 18.08 -6.70
C LEU A 450 -30.45 19.43 -6.40
N SER A 451 -30.06 20.08 -5.31
CA SER A 451 -30.65 21.35 -4.93
C SER A 451 -29.72 22.03 -3.93
N GLN A 452 -30.17 23.12 -3.34
CA GLN A 452 -29.36 23.86 -2.37
C GLN A 452 -29.66 23.45 -0.93
N ALA A 453 -30.93 23.19 -0.60
CA ALA A 453 -31.29 22.82 0.76
C ALA A 453 -32.34 21.72 0.78
N ARG A 454 -32.36 20.84 -0.22
CA ARG A 454 -33.37 19.81 -0.34
C ARG A 454 -32.70 18.47 -0.64
N LEU A 455 -33.38 17.39 -0.29
CA LEU A 455 -32.84 16.05 -0.47
C LEU A 455 -33.51 15.34 -1.65
N LEU A 456 -32.99 14.17 -1.98
CA LEU A 456 -33.37 13.51 -3.23
C LEU A 456 -34.85 13.13 -3.25
N THR A 457 -35.37 12.62 -2.14
CA THR A 457 -36.73 12.10 -2.11
C THR A 457 -37.78 13.19 -2.34
N SER A 458 -37.40 14.46 -2.25
CA SER A 458 -38.34 15.52 -2.56
C SER A 458 -38.67 15.57 -4.04
N PHE A 459 -37.71 15.25 -4.90
CA PHE A 459 -37.89 15.32 -6.34
C PHE A 459 -37.94 13.97 -7.03
N LEU A 460 -37.67 12.87 -6.32
CA LEU A 460 -37.66 11.55 -6.91
C LEU A 460 -38.50 10.59 -6.09
N PRO A 461 -39.09 9.57 -6.72
CA PRO A 461 -39.71 8.50 -5.96
C PRO A 461 -38.64 7.60 -5.34
N ALA A 462 -39.11 6.63 -4.56
CA ALA A 462 -38.21 5.74 -3.84
C ALA A 462 -37.48 4.77 -4.75
N GLN A 463 -37.86 4.67 -6.02
CA GLN A 463 -37.29 3.70 -6.94
C GLN A 463 -36.09 4.23 -7.71
N LEU A 464 -35.68 5.48 -7.49
CA LEU A 464 -34.57 6.06 -8.21
C LEU A 464 -33.43 6.54 -7.30
N LEU A 465 -33.55 6.35 -5.98
CA LEU A 465 -32.55 6.89 -5.07
C LEU A 465 -31.18 6.28 -5.30
N ARG A 466 -31.12 4.96 -5.49
CA ARG A 466 -29.82 4.30 -5.68
C ARG A 466 -29.16 4.74 -6.97
N LEU A 467 -29.95 4.96 -8.03
CA LEU A 467 -29.39 5.40 -9.29
C LEU A 467 -28.72 6.76 -9.15
N TYR A 468 -29.38 7.70 -8.46
CA TYR A 468 -28.78 9.03 -8.29
C TYR A 468 -27.61 9.00 -7.31
N GLN A 469 -27.67 8.13 -6.30
CA GLN A 469 -26.52 7.99 -5.41
C GLN A 469 -25.32 7.43 -6.15
N LEU A 470 -25.54 6.59 -7.16
CA LEU A 470 -24.44 6.09 -7.97
C LEU A 470 -23.96 7.13 -8.97
N MET A 471 -24.86 7.96 -9.49
CA MET A 471 -24.47 8.98 -10.47
C MET A 471 -23.68 10.09 -9.82
N LEU A 472 -24.15 10.60 -8.68
CA LEU A 472 -23.51 11.74 -8.04
C LEU A 472 -22.15 11.40 -7.44
N PHE A 473 -21.87 10.13 -7.20
CA PHE A 473 -20.59 9.73 -6.64
C PHE A 473 -19.59 9.32 -7.69
N THR A 474 -19.87 9.59 -8.97
CA THR A 474 -18.93 9.32 -10.05
C THR A 474 -18.77 10.48 -11.03
N LEU A 475 -19.66 11.46 -11.02
CA LEU A 475 -19.53 12.60 -11.90
C LEU A 475 -18.31 13.43 -11.51
N PRO A 476 -17.73 14.18 -12.45
CA PRO A 476 -16.49 14.93 -12.17
C PRO A 476 -16.71 16.24 -11.40
N GLY A 477 -16.80 16.12 -10.08
CA GLY A 477 -16.99 17.28 -9.24
C GLY A 477 -17.18 16.87 -7.80
N THR A 478 -17.43 17.86 -6.95
CA THR A 478 -17.64 17.62 -5.54
C THR A 478 -19.12 17.40 -5.28
N PRO A 479 -19.54 16.21 -4.85
CA PRO A 479 -20.98 15.98 -4.61
C PRO A 479 -21.42 16.52 -3.26
N VAL A 480 -22.63 17.07 -3.24
CA VAL A 480 -23.20 17.64 -2.03
C VAL A 480 -24.47 16.87 -1.71
N PHE A 481 -24.56 16.33 -0.50
CA PHE A 481 -25.72 15.61 -0.03
C PHE A 481 -26.25 16.27 1.24
N SER A 482 -27.55 16.14 1.46
CA SER A 482 -28.14 16.65 2.69
C SER A 482 -28.21 15.53 3.72
N TYR A 483 -28.55 15.90 4.95
CA TYR A 483 -28.62 14.90 6.01
C TYR A 483 -29.84 14.02 5.81
N GLY A 484 -29.66 12.72 6.04
CA GLY A 484 -30.70 11.76 5.75
C GLY A 484 -30.75 11.29 4.31
N ASP A 485 -29.70 11.57 3.53
CA ASP A 485 -29.66 11.19 2.13
C ASP A 485 -28.98 9.86 1.89
N GLU A 486 -28.50 9.21 2.94
CA GLU A 486 -27.89 7.89 2.83
C GLU A 486 -28.77 6.77 3.40
N ILE A 487 -29.70 7.09 4.29
CA ILE A 487 -30.63 6.10 4.82
C ILE A 487 -31.93 6.21 4.04
N GLY A 488 -31.94 7.04 3.01
CA GLY A 488 -33.15 7.23 2.23
C GLY A 488 -34.28 7.86 3.01
N LEU A 489 -33.95 8.79 3.89
CA LEU A 489 -34.97 9.46 4.69
C LEU A 489 -35.94 10.21 3.77
N ASP A 490 -37.24 10.06 4.06
CA ASP A 490 -38.28 10.69 3.27
C ASP A 490 -39.25 11.37 4.24
N ALA A 491 -39.74 12.54 3.85
CA ALA A 491 -40.62 13.33 4.70
C ALA A 491 -42.10 13.06 4.44
N ALA A 492 -42.45 12.38 3.34
CA ALA A 492 -43.85 12.10 3.04
C ALA A 492 -44.35 10.84 3.74
N ALA A 493 -43.46 10.02 4.27
CA ALA A 493 -43.86 8.75 4.90
C ALA A 493 -44.27 8.92 6.35
N LEU A 494 -44.14 10.12 6.93
CA LEU A 494 -44.52 10.35 8.31
C LEU A 494 -45.47 11.53 8.40
N PRO A 495 -46.41 11.51 9.34
CA PRO A 495 -47.37 12.61 9.47
C PRO A 495 -46.95 13.66 10.50
N GLY A 496 -47.39 14.89 10.25
CA GLY A 496 -47.03 16.00 11.10
C GLY A 496 -45.54 16.27 11.13
N GLN A 497 -44.87 16.17 9.99
CA GLN A 497 -43.43 16.34 9.89
C GLN A 497 -43.10 17.49 8.95
N PRO A 498 -42.30 18.46 9.39
CA PRO A 498 -41.91 19.55 8.48
C PRO A 498 -41.20 19.02 7.24
N MET A 499 -41.54 19.60 6.09
CA MET A 499 -41.00 19.12 4.83
C MET A 499 -39.52 19.47 4.69
N GLU A 500 -39.14 20.68 5.10
CA GLU A 500 -37.78 21.14 4.88
C GLU A 500 -36.78 20.40 5.76
N ALA A 501 -37.09 20.27 7.06
CA ALA A 501 -36.15 19.74 8.04
C ALA A 501 -36.82 18.64 8.86
N PRO A 502 -37.01 17.45 8.28
CA PRO A 502 -37.57 16.34 9.04
C PRO A 502 -36.56 15.79 10.03
N VAL A 503 -37.07 15.16 11.09
CA VAL A 503 -36.21 14.58 12.10
C VAL A 503 -35.47 13.38 11.55
N MET A 504 -34.31 13.09 12.12
CA MET A 504 -33.46 12.00 11.67
C MET A 504 -33.87 10.71 12.36
N LEU A 505 -34.14 9.68 11.58
CA LEU A 505 -34.59 8.39 12.11
C LEU A 505 -33.37 7.59 12.54
N TRP A 506 -32.92 7.86 13.77
CA TRP A 506 -31.76 7.16 14.31
C TRP A 506 -32.10 5.72 14.66
N ASP A 507 -33.23 5.49 15.32
CA ASP A 507 -33.63 4.17 15.76
C ASP A 507 -35.14 4.13 15.88
N GLU A 508 -35.65 3.09 16.53
CA GLU A 508 -37.09 2.90 16.70
C GLU A 508 -37.72 3.93 17.63
N SER A 509 -36.91 4.71 18.35
CA SER A 509 -37.40 5.71 19.28
C SER A 509 -37.46 7.10 18.66
N SER A 510 -37.77 7.18 17.36
CA SER A 510 -37.81 8.47 16.67
C SER A 510 -38.86 9.39 17.29
N PHE A 511 -40.03 8.84 17.59
CA PHE A 511 -41.11 9.61 18.20
C PHE A 511 -41.66 8.85 19.40
N PRO A 512 -42.00 9.57 20.48
CA PRO A 512 -42.61 8.89 21.64
C PRO A 512 -43.91 8.20 21.32
N ASP A 513 -44.72 8.77 20.43
CA ASP A 513 -46.02 8.21 20.08
C ASP A 513 -45.88 7.29 18.87
N ILE A 514 -47.02 6.89 18.30
CA ILE A 514 -47.15 6.01 17.14
C ILE A 514 -46.07 4.93 17.13
N PRO A 515 -46.06 4.02 18.09
CA PRO A 515 -45.02 2.97 18.14
C PRO A 515 -45.31 1.82 17.17
N GLY A 516 -44.90 2.01 15.92
CA GLY A 516 -45.14 1.03 14.88
C GLY A 516 -45.35 1.67 13.52
N ALA A 517 -45.53 2.98 13.48
CA ALA A 517 -45.59 3.68 12.21
C ALA A 517 -44.27 3.58 11.46
N VAL A 518 -43.15 3.71 12.18
CA VAL A 518 -41.84 3.54 11.57
C VAL A 518 -41.55 2.05 11.41
N SER A 519 -40.63 1.74 10.51
CA SER A 519 -40.24 0.36 10.22
C SER A 519 -38.81 0.12 10.68
N ALA A 520 -38.40 -1.14 10.60
CA ALA A 520 -37.06 -1.53 11.00
C ALA A 520 -36.00 -1.19 9.97
N ASN A 521 -36.40 -0.95 8.72
CA ASN A 521 -35.45 -0.60 7.66
C ASN A 521 -35.35 0.90 7.44
N MET A 522 -36.02 1.71 8.27
CA MET A 522 -35.95 3.16 8.17
C MET A 522 -34.96 3.76 9.17
N THR A 523 -34.22 2.93 9.88
CA THR A 523 -33.26 3.38 10.88
C THR A 523 -31.84 3.07 10.43
N VAL A 524 -30.89 3.84 10.97
CA VAL A 524 -29.49 3.63 10.61
C VAL A 524 -29.00 2.28 11.11
N LYS A 525 -29.49 1.83 12.27
CA LYS A 525 -29.07 0.54 12.81
C LYS A 525 -29.58 -0.61 11.95
N GLY A 526 -30.82 -0.49 11.45
CA GLY A 526 -31.38 -1.51 10.58
C GLY A 526 -30.85 -1.51 9.16
N GLN A 527 -30.16 -0.45 8.76
CA GLN A 527 -29.57 -0.35 7.43
C GLN A 527 -28.06 -0.54 7.41
N SER A 528 -27.40 -0.47 8.58
CA SER A 528 -25.95 -0.55 8.61
C SER A 528 -25.46 -1.92 8.12
N GLU A 529 -26.07 -3.00 8.60
CA GLU A 529 -25.60 -4.35 8.30
C GLU A 529 -26.41 -5.05 7.22
N ASP A 530 -27.50 -4.44 6.75
CA ASP A 530 -28.31 -5.06 5.71
C ASP A 530 -27.61 -4.95 4.37
N PRO A 531 -27.29 -6.06 3.69
CA PRO A 531 -26.60 -5.96 2.39
C PRO A 531 -27.38 -5.18 1.35
N GLY A 532 -28.71 -5.20 1.41
CA GLY A 532 -29.53 -4.52 0.43
C GLY A 532 -30.01 -3.15 0.85
N SER A 533 -29.36 -2.57 1.85
CA SER A 533 -29.74 -1.26 2.36
C SER A 533 -29.08 -0.15 1.55
N LEU A 534 -29.63 1.06 1.70
CA LEU A 534 -29.05 2.22 1.03
C LEU A 534 -27.76 2.66 1.68
N LEU A 535 -27.68 2.56 3.02
CA LEU A 535 -26.51 3.04 3.73
C LEU A 535 -25.26 2.26 3.35
N SER A 536 -25.39 0.95 3.12
CA SER A 536 -24.23 0.17 2.70
C SER A 536 -23.71 0.64 1.35
N LEU A 537 -24.62 0.90 0.40
CA LEU A 537 -24.20 1.41 -0.90
C LEU A 537 -23.54 2.77 -0.75
N PHE A 538 -24.10 3.63 0.10
CA PHE A 538 -23.50 4.95 0.31
C PHE A 538 -22.09 4.83 0.89
N ARG A 539 -21.91 3.96 1.88
CA ARG A 539 -20.60 3.81 2.50
C ARG A 539 -19.57 3.27 1.51
N ARG A 540 -19.96 2.24 0.75
CA ARG A 540 -19.03 1.66 -0.20
C ARG A 540 -18.67 2.65 -1.30
N LEU A 541 -19.66 3.40 -1.79
CA LEU A 541 -19.40 4.37 -2.85
C LEU A 541 -18.52 5.51 -2.36
N SER A 542 -18.79 6.01 -1.15
CA SER A 542 -17.96 7.09 -0.61
C SER A 542 -16.53 6.62 -0.39
N ASP A 543 -16.36 5.40 0.13
CA ASP A 543 -15.01 4.87 0.31
C ASP A 543 -14.30 4.70 -1.02
N GLN A 544 -15.02 4.24 -2.04
CA GLN A 544 -14.40 4.05 -3.34
C GLN A 544 -14.01 5.37 -3.98
N ARG A 545 -14.83 6.41 -3.79
CA ARG A 545 -14.54 7.72 -4.39
C ARG A 545 -13.42 8.43 -3.65
N SER A 546 -13.31 8.24 -2.33
CA SER A 546 -12.33 8.99 -1.56
C SER A 546 -10.89 8.59 -1.91
N LYS A 547 -10.65 7.31 -2.18
CA LYS A 547 -9.29 6.81 -2.35
C LYS A 547 -8.86 6.66 -3.81
N GLU A 548 -9.78 6.31 -4.71
CA GLU A 548 -9.39 6.02 -6.08
C GLU A 548 -9.02 7.30 -6.82
N ARG A 549 -7.86 7.27 -7.50
CA ARG A 549 -7.36 8.49 -8.14
C ARG A 549 -8.15 8.85 -9.39
N SER A 550 -8.58 7.85 -10.15
CA SER A 550 -9.37 8.12 -11.36
C SER A 550 -10.69 8.80 -11.01
N LEU A 551 -11.35 8.35 -9.94
CA LEU A 551 -12.53 9.03 -9.47
C LEU A 551 -12.19 10.37 -8.83
N LEU A 552 -10.97 10.53 -8.32
CA LEU A 552 -10.59 11.79 -7.68
C LEU A 552 -10.44 12.91 -8.70
N HIS A 553 -9.52 12.76 -9.64
CA HIS A 553 -9.28 13.81 -10.63
C HIS A 553 -9.03 13.23 -12.01
N GLY A 554 -9.85 12.26 -12.41
CA GLY A 554 -9.72 11.67 -13.73
C GLY A 554 -10.61 12.34 -14.75
N ASP A 555 -10.18 12.28 -16.00
CA ASP A 555 -10.96 12.85 -17.08
C ASP A 555 -12.23 12.06 -17.30
N PHE A 556 -13.26 12.75 -17.78
CA PHE A 556 -14.60 12.21 -17.93
C PHE A 556 -14.99 12.24 -19.40
N HIS A 557 -15.44 11.10 -19.92
CA HIS A 557 -15.85 11.02 -21.31
C HIS A 557 -17.15 10.25 -21.44
N ALA A 558 -18.10 10.81 -22.17
CA ALA A 558 -19.42 10.21 -22.34
C ALA A 558 -19.64 9.86 -23.81
N PHE A 559 -20.37 8.79 -24.06
CA PHE A 559 -20.69 8.36 -25.41
C PHE A 559 -22.17 8.02 -25.50
N SER A 560 -22.68 7.98 -26.73
CA SER A 560 -24.08 7.68 -26.95
C SER A 560 -24.39 6.23 -26.60
N ALA A 561 -25.64 5.98 -26.25
CA ALA A 561 -26.07 4.66 -25.80
C ALA A 561 -27.52 4.46 -26.23
N GLY A 562 -28.20 3.48 -25.63
CA GLY A 562 -29.53 3.14 -26.02
C GLY A 562 -30.55 4.18 -25.57
N PRO A 563 -31.82 3.90 -25.85
CA PRO A 563 -32.88 4.88 -25.53
C PRO A 563 -33.17 4.94 -24.04
N GLY A 564 -32.39 5.71 -23.31
CA GLY A 564 -32.54 5.85 -21.87
C GLY A 564 -31.36 5.36 -21.04
N LEU A 565 -30.19 5.18 -21.64
CA LEU A 565 -29.00 4.72 -20.94
C LEU A 565 -28.03 5.90 -20.78
N PHE A 566 -27.46 6.02 -19.59
CA PHE A 566 -26.46 7.04 -19.30
C PHE A 566 -25.16 6.32 -18.95
N SER A 567 -24.17 6.40 -19.84
CA SER A 567 -22.92 5.69 -19.66
C SER A 567 -21.75 6.63 -19.87
N TYR A 568 -20.73 6.49 -19.03
CA TYR A 568 -19.55 7.33 -19.14
C TYR A 568 -18.34 6.63 -18.53
N ILE A 569 -17.16 7.20 -18.79
CA ILE A 569 -15.89 6.64 -18.41
C ILE A 569 -15.09 7.69 -17.63
N ARG A 570 -14.46 7.25 -16.54
CA ARG A 570 -13.52 8.06 -15.78
C ARG A 570 -12.14 7.43 -15.88
N HIS A 571 -11.15 8.22 -16.31
CA HIS A 571 -9.80 7.71 -16.52
C HIS A 571 -8.80 8.85 -16.35
N TRP A 572 -7.80 8.67 -15.47
CA TRP A 572 -6.91 9.78 -15.22
C TRP A 572 -5.64 9.75 -16.07
N ASP A 573 -4.71 8.84 -15.76
CA ASP A 573 -3.53 8.70 -16.59
C ASP A 573 -3.27 7.25 -16.99
N GLN A 574 -3.11 6.41 -15.98
CA GLN A 574 -2.78 5.00 -16.16
C GLN A 574 -3.47 4.10 -15.14
N ASN A 575 -4.31 4.65 -14.28
CA ASN A 575 -4.94 3.87 -13.21
C ASN A 575 -6.11 3.07 -13.77
N GLU A 576 -6.84 2.47 -12.78
CA GLU A 576 -7.99 1.74 -13.18
C GLU A 576 -8.98 2.60 -13.78
N ARG A 577 -9.35 2.30 -15.03
CA ARG A 577 -10.45 3.04 -15.62
C ARG A 577 -11.79 2.54 -15.10
N PHE A 578 -12.73 3.46 -14.91
CA PHE A 578 -14.08 3.14 -14.44
C PHE A 578 -15.09 3.40 -15.55
N LEU A 579 -16.07 2.51 -15.67
CA LEU A 579 -17.16 2.65 -16.62
C LEU A 579 -18.48 2.52 -15.88
N VAL A 580 -19.28 3.58 -15.91
CA VAL A 580 -20.56 3.61 -15.22
C VAL A 580 -21.66 3.59 -16.28
N VAL A 581 -22.65 2.72 -16.08
CA VAL A 581 -23.80 2.65 -16.98
C VAL A 581 -25.07 2.56 -16.13
N LEU A 582 -26.01 3.48 -16.37
CA LEU A 582 -27.24 3.56 -15.61
C LEU A 582 -28.43 3.47 -16.56
N ASN A 583 -29.51 2.82 -16.09
CA ASN A 583 -30.72 2.65 -16.87
C ASN A 583 -31.84 3.40 -16.18
N PHE A 584 -32.30 4.49 -16.81
CA PHE A 584 -33.40 5.28 -16.27
C PHE A 584 -34.76 4.81 -16.75
N GLY A 585 -34.81 3.84 -17.66
CA GLY A 585 -36.08 3.38 -18.18
C GLY A 585 -36.86 2.55 -17.18
N ASP A 586 -38.16 2.43 -17.43
CA ASP A 586 -39.06 1.68 -16.56
C ASP A 586 -39.11 0.20 -16.88
N VAL A 587 -38.51 -0.23 -18.00
CA VAL A 587 -38.50 -1.62 -18.39
C VAL A 587 -37.07 -2.03 -18.75
N GLY A 588 -36.81 -3.32 -18.63
CA GLY A 588 -35.48 -3.83 -18.93
C GLY A 588 -35.18 -3.80 -20.41
N LEU A 589 -33.91 -3.62 -20.73
CA LEU A 589 -33.45 -3.59 -22.12
C LEU A 589 -31.98 -3.94 -22.16
N SER A 590 -31.51 -4.35 -23.34
CA SER A 590 -30.10 -4.63 -23.54
C SER A 590 -29.29 -3.35 -23.54
N ALA A 591 -27.99 -3.49 -23.23
CA ALA A 591 -27.13 -2.32 -23.14
C ALA A 591 -26.83 -1.74 -24.52
N GLY A 592 -26.24 -2.54 -25.40
CA GLY A 592 -25.84 -2.05 -26.71
C GLY A 592 -24.76 -1.00 -26.62
N LEU A 593 -23.74 -1.25 -25.81
CA LEU A 593 -22.66 -0.30 -25.62
C LEU A 593 -21.83 -0.15 -26.89
N GLN A 594 -21.60 1.10 -27.29
CA GLN A 594 -20.74 1.41 -28.43
C GLN A 594 -20.34 2.88 -28.41
N ALA A 595 -19.05 3.16 -28.49
CA ALA A 595 -18.56 4.54 -28.49
C ALA A 595 -18.21 5.02 -29.89
N SER A 596 -17.26 4.36 -30.55
CA SER A 596 -16.88 4.65 -31.94
C SER A 596 -16.34 6.07 -32.12
N ASP A 597 -16.21 6.82 -31.02
CA ASP A 597 -15.72 8.18 -31.10
C ASP A 597 -14.67 8.54 -30.05
N LEU A 598 -14.53 7.76 -28.99
CA LEU A 598 -13.58 8.09 -27.94
C LEU A 598 -12.14 7.91 -28.44
N PRO A 599 -11.19 8.61 -27.84
CA PRO A 599 -9.77 8.39 -28.21
C PRO A 599 -9.35 6.96 -27.90
N ALA A 600 -8.44 6.44 -28.72
CA ALA A 600 -7.99 5.06 -28.59
C ALA A 600 -7.19 4.80 -27.33
N SER A 601 -6.79 5.84 -26.60
CA SER A 601 -5.98 5.64 -25.40
C SER A 601 -6.75 4.85 -24.34
N ALA A 602 -8.02 5.16 -24.16
CA ALA A 602 -8.85 4.54 -23.12
C ALA A 602 -10.03 3.80 -23.72
N SER A 603 -9.80 3.08 -24.81
CA SER A 603 -10.87 2.30 -25.42
C SER A 603 -11.26 1.14 -24.52
N LEU A 604 -12.57 1.01 -24.26
CA LEU A 604 -13.05 -0.05 -23.39
C LEU A 604 -12.85 -1.41 -24.07
N PRO A 605 -12.47 -2.44 -23.33
CA PRO A 605 -12.25 -3.75 -23.92
C PRO A 605 -13.56 -4.50 -24.07
N ALA A 606 -13.46 -5.73 -24.59
CA ALA A 606 -14.62 -6.61 -24.65
C ALA A 606 -14.88 -7.31 -23.32
N LYS A 607 -13.90 -7.34 -22.43
CA LYS A 607 -14.03 -7.96 -21.12
C LYS A 607 -13.80 -6.92 -20.04
N ALA A 608 -14.76 -6.81 -19.12
CA ALA A 608 -14.69 -5.82 -18.05
C ALA A 608 -15.09 -6.48 -16.74
N ASP A 609 -14.51 -6.01 -15.65
CA ASP A 609 -14.80 -6.54 -14.32
C ASP A 609 -16.11 -5.94 -13.83
N LEU A 610 -16.40 -6.12 -12.54
CA LEU A 610 -17.60 -5.52 -11.97
C LEU A 610 -17.31 -5.13 -10.53
N LEU A 611 -18.03 -4.11 -10.07
CA LEU A 611 -17.89 -3.59 -8.71
C LEU A 611 -19.13 -3.81 -7.86
N LEU A 612 -20.29 -3.39 -8.37
CA LEU A 612 -21.53 -3.45 -7.59
C LEU A 612 -22.70 -3.20 -8.53
N SER A 613 -23.90 -3.51 -8.04
CA SER A 613 -25.14 -3.20 -8.74
C SER A 613 -26.09 -2.54 -7.75
N THR A 614 -26.84 -1.55 -8.24
CA THR A 614 -27.72 -0.79 -7.37
C THR A 614 -28.81 -1.69 -6.78
N GLN A 615 -29.38 -2.58 -7.59
CA GLN A 615 -30.40 -3.50 -7.12
C GLN A 615 -29.84 -4.91 -7.04
N PRO A 616 -29.98 -5.58 -5.90
CA PRO A 616 -29.40 -6.92 -5.76
C PRO A 616 -30.08 -7.93 -6.67
N GLY A 617 -29.34 -8.98 -7.02
CA GLY A 617 -29.82 -9.97 -7.94
C GLY A 617 -28.85 -10.23 -9.08
N ARG A 618 -27.60 -9.84 -8.89
CA ARG A 618 -26.56 -10.01 -9.90
C ARG A 618 -25.29 -10.51 -9.24
N GLU A 619 -24.36 -10.98 -10.07
CA GLU A 619 -23.05 -11.40 -9.60
C GLU A 619 -22.16 -10.19 -9.36
N GLU A 620 -21.05 -10.43 -8.66
CA GLU A 620 -20.12 -9.37 -8.31
C GLU A 620 -18.73 -9.95 -8.13
N GLY A 621 -17.72 -9.19 -8.53
CA GLY A 621 -16.34 -9.55 -8.32
C GLY A 621 -15.68 -10.30 -9.46
N SER A 622 -16.45 -10.74 -10.46
CA SER A 622 -15.88 -11.49 -11.55
C SER A 622 -16.12 -10.78 -12.88
N PRO A 623 -15.25 -10.98 -13.87
CA PRO A 623 -15.41 -10.31 -15.16
C PRO A 623 -16.74 -10.68 -15.83
N LEU A 624 -17.29 -9.70 -16.53
CA LEU A 624 -18.54 -9.87 -17.27
C LEU A 624 -18.33 -9.31 -18.67
N GLU A 625 -18.67 -10.10 -19.69
CA GLU A 625 -18.49 -9.67 -21.06
C GLU A 625 -19.41 -8.49 -21.37
N LEU A 626 -18.88 -7.54 -22.14
CA LEU A 626 -19.57 -6.29 -22.40
C LEU A 626 -20.50 -6.34 -23.62
N GLU A 627 -20.53 -7.46 -24.35
CA GLU A 627 -21.40 -7.58 -25.51
C GLU A 627 -22.73 -8.23 -25.19
N ARG A 628 -22.79 -9.05 -24.14
CA ARG A 628 -24.02 -9.70 -23.72
C ARG A 628 -24.65 -9.02 -22.51
N LEU A 629 -24.39 -7.72 -22.35
CA LEU A 629 -24.90 -7.00 -21.18
C LEU A 629 -26.41 -6.82 -21.25
N LYS A 630 -27.07 -7.03 -20.12
CA LYS A 630 -28.50 -6.77 -19.97
C LYS A 630 -28.71 -5.94 -18.72
N LEU A 631 -29.77 -5.13 -18.74
CA LEU A 631 -30.06 -4.21 -17.64
C LEU A 631 -31.53 -4.33 -17.27
N GLU A 632 -31.80 -4.79 -16.04
CA GLU A 632 -33.14 -4.77 -15.51
C GLU A 632 -33.56 -3.33 -15.25
N PRO A 633 -34.87 -3.05 -15.18
CA PRO A 633 -35.30 -1.67 -14.96
C PRO A 633 -34.76 -1.10 -13.66
N HIS A 634 -34.35 0.16 -13.71
CA HIS A 634 -33.78 0.89 -12.57
C HIS A 634 -32.55 0.16 -12.01
N GLU A 635 -31.50 0.10 -12.83
CA GLU A 635 -30.27 -0.56 -12.44
C GLU A 635 -29.07 0.29 -12.87
N GLY A 636 -27.91 -0.07 -12.35
CA GLY A 636 -26.67 0.57 -12.72
C GLY A 636 -25.49 -0.33 -12.46
N LEU A 637 -24.43 -0.13 -13.23
CA LEU A 637 -23.22 -0.94 -13.14
C LEU A 637 -22.01 -0.02 -13.09
N LEU A 638 -21.00 -0.47 -12.33
CA LEU A 638 -19.80 0.31 -12.03
C LEU A 638 -18.56 -0.48 -12.42
N LEU A 639 -18.53 -0.97 -13.66
CA LEU A 639 -17.46 -1.84 -14.09
C LEU A 639 -16.11 -1.13 -14.03
N ARG A 640 -15.04 -1.90 -13.91
CA ARG A 640 -13.69 -1.37 -13.97
C ARG A 640 -12.87 -2.18 -14.97
N PHE A 641 -11.91 -1.53 -15.60
CA PHE A 641 -10.94 -2.26 -16.41
C PHE A 641 -9.58 -1.62 -16.22
N PRO A 642 -8.50 -2.39 -16.31
CA PRO A 642 -7.17 -1.84 -16.06
C PRO A 642 -6.62 -1.16 -17.30
N TYR A 643 -5.47 -0.50 -17.12
CA TYR A 643 -4.84 0.22 -18.22
C TYR A 643 -4.45 -0.74 -19.32
N ALA A 644 -4.78 -0.37 -20.55
CA ALA A 644 -4.51 -1.20 -21.72
C ALA A 644 -3.50 -0.50 -22.62
N ALA A 645 -2.52 -1.25 -23.11
CA ALA A 645 -1.51 -0.70 -24.00
C ALA A 645 -2.11 -0.37 -25.36
N VAL B 64 48.64 -16.27 4.85
CA VAL B 64 49.16 -17.60 4.56
C VAL B 64 48.02 -18.62 4.54
N THR B 65 46.93 -18.30 5.23
CA THR B 65 45.78 -19.17 5.26
C THR B 65 45.06 -19.18 3.92
N LEU B 66 44.26 -20.21 3.70
CA LEU B 66 43.56 -20.36 2.42
C LEU B 66 42.61 -19.19 2.18
N GLN B 67 41.63 -19.01 3.06
CA GLN B 67 40.71 -17.88 2.95
C GLN B 67 40.14 -17.62 4.35
N ARG B 68 40.64 -16.58 5.01
CA ARG B 68 40.12 -16.18 6.31
C ARG B 68 40.34 -14.67 6.44
N ASN B 69 39.31 -13.89 6.13
CA ASN B 69 39.44 -12.44 6.16
C ASN B 69 38.25 -11.74 6.81
N ILE B 70 37.39 -12.46 7.53
CA ILE B 70 36.17 -11.89 8.10
C ILE B 70 36.38 -11.67 9.59
N THR B 71 36.30 -10.41 10.01
CA THR B 71 36.46 -10.04 11.40
C THR B 71 35.09 -9.77 12.03
N LEU B 72 35.08 -9.32 13.28
CA LEU B 72 33.83 -9.00 13.97
C LEU B 72 33.21 -7.69 13.48
N LEU B 73 33.96 -6.88 12.73
CA LEU B 73 33.41 -5.68 12.09
C LEU B 73 33.05 -5.94 10.64
N ASN B 74 33.07 -7.21 10.24
CA ASN B 74 32.67 -7.54 8.90
C ASN B 74 31.44 -8.37 9.04
N GLY B 75 31.53 -9.39 9.87
CA GLY B 75 30.40 -10.28 10.03
C GLY B 75 29.13 -9.54 10.34
N VAL B 76 29.24 -8.49 11.17
CA VAL B 76 28.09 -7.66 11.49
C VAL B 76 27.54 -7.03 10.22
N ALA B 77 28.43 -6.64 9.31
CA ALA B 77 28.03 -6.09 8.03
C ALA B 77 27.21 -7.11 7.25
N ILE B 78 27.66 -8.37 7.22
CA ILE B 78 26.95 -9.40 6.48
C ILE B 78 25.57 -9.61 7.07
N ILE B 79 25.48 -9.74 8.40
CA ILE B 79 24.20 -10.04 9.03
C ILE B 79 23.23 -8.88 8.85
N VAL B 80 23.68 -7.65 9.09
CA VAL B 80 22.79 -6.50 8.99
C VAL B 80 22.38 -6.26 7.54
N GLY B 81 23.28 -6.49 6.60
CA GLY B 81 22.91 -6.36 5.19
C GLY B 81 21.88 -7.39 4.77
N THR B 82 22.02 -8.63 5.25
CA THR B 82 21.04 -9.64 4.90
C THR B 82 19.69 -9.35 5.54
N ILE B 83 19.69 -8.90 6.80
CA ILE B 83 18.44 -8.67 7.51
C ILE B 83 17.65 -7.54 6.87
N ILE B 84 18.30 -6.40 6.63
CA ILE B 84 17.61 -5.18 6.23
C ILE B 84 17.57 -5.12 4.71
N GLY B 85 16.40 -5.38 4.14
CA GLY B 85 16.20 -5.22 2.71
C GLY B 85 15.11 -4.22 2.40
N SER B 86 14.01 -4.70 1.81
CA SER B 86 12.83 -3.87 1.53
C SER B 86 11.75 -4.05 2.57
N GLY B 87 12.01 -4.82 3.64
CA GLY B 87 10.97 -5.09 4.62
C GLY B 87 10.51 -3.85 5.36
N ILE B 88 11.44 -2.95 5.67
CA ILE B 88 11.11 -1.77 6.45
C ILE B 88 10.72 -0.60 5.55
N PHE B 89 11.39 -0.43 4.42
CA PHE B 89 11.09 0.69 3.54
C PHE B 89 9.76 0.51 2.82
N VAL B 90 9.53 -0.67 2.25
CA VAL B 90 8.44 -0.87 1.30
C VAL B 90 7.15 -1.25 2.00
N THR B 91 7.19 -2.20 2.93
CA THR B 91 5.99 -2.78 3.53
C THR B 91 6.05 -2.73 5.04
N PRO B 92 5.90 -1.54 5.64
CA PRO B 92 5.70 -1.44 7.09
C PRO B 92 4.24 -1.32 7.54
N THR B 93 3.28 -1.41 6.62
CA THR B 93 1.88 -1.14 6.94
C THR B 93 1.09 -2.38 7.33
N GLY B 94 1.66 -3.58 7.20
CA GLY B 94 0.93 -4.77 7.57
C GLY B 94 0.58 -4.82 9.04
N VAL B 95 1.54 -4.46 9.90
CA VAL B 95 1.29 -4.46 11.34
C VAL B 95 0.25 -3.42 11.71
N LEU B 96 0.30 -2.25 11.09
CA LEU B 96 -0.70 -1.22 11.37
C LEU B 96 -2.07 -1.65 10.91
N LYS B 97 -2.17 -2.30 9.75
CA LYS B 97 -3.46 -2.82 9.29
C LYS B 97 -4.00 -3.87 10.25
N GLU B 98 -3.12 -4.73 10.76
CA GLU B 98 -3.57 -5.79 11.66
C GLU B 98 -4.02 -5.23 13.00
N ALA B 99 -3.20 -4.35 13.59
CA ALA B 99 -3.40 -3.87 14.95
C ALA B 99 -4.13 -2.54 15.03
N GLY B 100 -3.68 -1.53 14.28
CA GLY B 100 -4.30 -0.22 14.32
C GLY B 100 -3.65 0.77 15.27
N SER B 101 -3.58 0.42 16.56
CA SER B 101 -3.01 1.35 17.51
C SER B 101 -1.48 1.40 17.38
N PRO B 102 -0.88 2.59 17.41
CA PRO B 102 0.59 2.66 17.35
C PRO B 102 1.28 1.95 18.49
N GLY B 103 0.70 1.98 19.69
CA GLY B 103 1.31 1.30 20.82
C GLY B 103 1.37 -0.20 20.63
N LEU B 104 0.29 -0.78 20.09
CA LEU B 104 0.29 -2.21 19.80
C LEU B 104 1.36 -2.56 18.77
N ALA B 105 1.53 -1.72 17.76
CA ALA B 105 2.58 -1.94 16.77
C ALA B 105 3.96 -1.87 17.41
N LEU B 106 4.18 -0.90 18.30
CA LEU B 106 5.48 -0.79 18.95
C LEU B 106 5.77 -2.02 19.81
N VAL B 107 4.81 -2.44 20.62
CA VAL B 107 5.04 -3.59 21.48
C VAL B 107 5.19 -4.87 20.66
N VAL B 108 4.48 -4.98 19.53
CA VAL B 108 4.60 -6.18 18.71
C VAL B 108 5.96 -6.23 18.02
N TRP B 109 6.49 -5.07 17.61
CA TRP B 109 7.83 -5.05 17.04
C TRP B 109 8.87 -5.40 18.09
N ALA B 110 8.68 -4.92 19.33
CA ALA B 110 9.57 -5.31 20.41
C ALA B 110 9.51 -6.82 20.65
N ALA B 111 8.31 -7.40 20.63
CA ALA B 111 8.18 -8.84 20.82
C ALA B 111 8.85 -9.61 19.70
N CYS B 112 8.70 -9.14 18.45
CA CYS B 112 9.39 -9.78 17.34
C CYS B 112 10.90 -9.73 17.53
N GLY B 113 11.40 -8.58 17.99
CA GLY B 113 12.83 -8.46 18.24
C GLY B 113 13.32 -9.44 19.29
N VAL B 114 12.60 -9.54 20.41
CA VAL B 114 13.05 -10.46 21.46
C VAL B 114 12.93 -11.91 21.01
N PHE B 115 11.91 -12.24 20.21
CA PHE B 115 11.80 -13.59 19.66
C PHE B 115 13.01 -13.90 18.78
N SER B 116 13.40 -12.94 17.95
CA SER B 116 14.60 -13.12 17.12
C SER B 116 15.84 -13.27 17.99
N ILE B 117 15.91 -12.54 19.10
CA ILE B 117 17.07 -12.65 20.00
C ILE B 117 17.17 -14.06 20.56
N VAL B 118 16.04 -14.59 21.06
CA VAL B 118 16.09 -15.91 21.68
C VAL B 118 16.36 -17.00 20.65
N GLY B 119 15.89 -16.81 19.41
CA GLY B 119 16.28 -17.75 18.36
C GLY B 119 17.75 -17.65 17.99
N ALA B 120 18.27 -16.43 17.90
CA ALA B 120 19.62 -16.22 17.42
C ALA B 120 20.66 -16.70 18.42
N LEU B 121 20.40 -16.51 19.72
CA LEU B 121 21.35 -16.99 20.71
C LEU B 121 21.48 -18.51 20.66
N CYS B 122 20.34 -19.21 20.57
CA CYS B 122 20.38 -20.67 20.45
C CYS B 122 21.08 -21.10 19.18
N TYR B 123 20.81 -20.42 18.07
CA TYR B 123 21.44 -20.82 16.81
C TYR B 123 22.93 -20.58 16.83
N ALA B 124 23.37 -19.49 17.46
CA ALA B 124 24.81 -19.24 17.58
C ALA B 124 25.48 -20.27 18.48
N GLU B 125 24.82 -20.65 19.58
CA GLU B 125 25.38 -21.71 20.42
C GLU B 125 25.50 -23.01 19.65
N LEU B 126 24.48 -23.36 18.86
CA LEU B 126 24.54 -24.56 18.05
C LEU B 126 25.66 -24.47 17.02
N GLY B 127 25.82 -23.30 16.39
CA GLY B 127 26.85 -23.14 15.38
C GLY B 127 28.25 -23.25 15.94
N THR B 128 28.48 -22.68 17.12
CA THR B 128 29.79 -22.80 17.75
C THR B 128 30.00 -24.17 18.38
N THR B 129 28.92 -24.91 18.64
CA THR B 129 29.08 -26.30 19.10
C THR B 129 29.64 -27.18 18.00
N ILE B 130 29.07 -27.08 16.80
CA ILE B 130 29.57 -27.80 15.62
C ILE B 130 30.07 -26.74 14.65
N SER B 131 31.34 -26.40 14.75
CA SER B 131 31.95 -25.37 13.91
C SER B 131 32.20 -25.94 12.52
N LYS B 132 31.15 -25.92 11.70
CA LYS B 132 31.22 -26.42 10.34
C LYS B 132 30.53 -25.45 9.40
N SER B 133 31.09 -25.31 8.20
CA SER B 133 30.50 -24.42 7.20
C SER B 133 29.20 -25.01 6.67
N GLY B 134 28.37 -24.13 6.11
CA GLY B 134 27.07 -24.54 5.62
C GLY B 134 26.08 -24.81 6.73
N GLY B 135 25.72 -23.76 7.46
CA GLY B 135 24.76 -23.89 8.53
C GLY B 135 23.38 -24.23 8.00
N ASP B 136 22.52 -24.68 8.92
CA ASP B 136 21.15 -25.14 8.68
C ASP B 136 21.10 -26.41 7.85
N TYR B 137 22.22 -26.90 7.37
CA TYR B 137 22.33 -28.14 6.62
C TYR B 137 23.39 -29.07 7.20
N ALA B 138 24.52 -28.52 7.67
CA ALA B 138 25.53 -29.35 8.31
C ALA B 138 25.02 -29.95 9.61
N TYR B 139 24.26 -29.17 10.39
CA TYR B 139 23.69 -29.68 11.62
C TYR B 139 22.71 -30.81 11.33
N MET B 140 21.84 -30.62 10.33
CA MET B 140 20.89 -31.65 9.95
C MET B 140 21.60 -32.88 9.41
N LEU B 141 22.64 -32.68 8.60
CA LEU B 141 23.39 -33.81 8.05
C LEU B 141 24.07 -34.61 9.16
N GLU B 142 24.64 -33.92 10.15
CA GLU B 142 25.35 -34.63 11.21
C GLU B 142 24.39 -35.28 12.20
N VAL B 143 23.21 -34.70 12.40
CA VAL B 143 22.22 -35.28 13.32
C VAL B 143 21.39 -36.33 12.59
N TYR B 144 20.67 -35.90 11.55
CA TYR B 144 19.71 -36.78 10.90
C TYR B 144 20.40 -37.84 10.03
N GLY B 145 21.11 -37.39 9.00
CA GLY B 145 21.75 -38.34 8.11
C GLY B 145 21.93 -37.83 6.69
N SER B 146 21.45 -38.59 5.71
CA SER B 146 21.67 -38.28 4.31
C SER B 146 20.39 -37.90 3.56
N LEU B 147 19.25 -38.44 3.93
CA LEU B 147 18.02 -38.17 3.19
C LEU B 147 17.43 -36.80 3.52
N PRO B 148 17.13 -36.47 4.79
CA PRO B 148 16.54 -35.16 5.06
C PRO B 148 17.44 -33.99 4.70
N ALA B 149 18.74 -34.15 4.91
CA ALA B 149 19.67 -33.10 4.52
C ALA B 149 19.64 -32.87 3.02
N PHE B 150 19.61 -33.95 2.24
CA PHE B 150 19.53 -33.79 0.78
C PHE B 150 18.21 -33.16 0.38
N LEU B 151 17.11 -33.53 1.04
CA LEU B 151 15.83 -32.92 0.71
C LEU B 151 15.86 -31.42 0.92
N LYS B 152 16.36 -30.99 2.09
CA LYS B 152 16.43 -29.56 2.40
C LYS B 152 17.35 -28.85 1.42
N LEU B 153 18.52 -29.43 1.14
CA LEU B 153 19.47 -28.78 0.24
C LEU B 153 18.91 -28.66 -1.16
N TRP B 154 18.25 -29.72 -1.66
CA TRP B 154 17.69 -29.67 -2.99
C TRP B 154 16.59 -28.63 -3.10
N ILE B 155 15.69 -28.58 -2.11
CA ILE B 155 14.62 -27.58 -2.20
C ILE B 155 15.20 -26.17 -2.07
N GLU B 156 16.26 -25.99 -1.28
CA GLU B 156 16.88 -24.68 -1.16
C GLU B 156 17.50 -24.25 -2.48
N LEU B 157 18.30 -25.13 -3.09
CA LEU B 157 18.95 -24.78 -4.35
C LEU B 157 17.97 -24.71 -5.50
N LEU B 158 16.77 -25.26 -5.36
CA LEU B 158 15.82 -25.21 -6.46
C LEU B 158 14.89 -24.00 -6.37
N ILE B 159 14.24 -23.79 -5.24
CA ILE B 159 13.11 -22.87 -5.19
C ILE B 159 13.26 -21.74 -4.19
N ILE B 160 14.06 -21.89 -3.13
CA ILE B 160 14.10 -20.90 -2.06
C ILE B 160 15.33 -20.01 -2.17
N ARG B 161 16.51 -20.59 -2.27
CA ARG B 161 17.73 -19.77 -2.31
C ARG B 161 17.80 -18.88 -3.55
N PRO B 162 17.67 -19.40 -4.78
CA PRO B 162 17.76 -18.49 -5.92
C PRO B 162 16.43 -17.85 -6.28
N SER B 163 15.68 -17.44 -5.28
CA SER B 163 14.46 -16.66 -5.52
C SER B 163 14.42 -15.41 -4.66
N SER B 164 14.88 -15.49 -3.41
CA SER B 164 15.02 -14.28 -2.60
C SER B 164 16.01 -13.32 -3.24
N GLN B 165 17.11 -13.84 -3.78
CA GLN B 165 18.08 -12.97 -4.46
C GLN B 165 17.46 -12.29 -5.66
N TYR B 166 16.67 -13.01 -6.45
CA TYR B 166 16.03 -12.40 -7.61
C TYR B 166 15.00 -11.36 -7.19
N ILE B 167 14.22 -11.63 -6.15
CA ILE B 167 13.22 -10.66 -5.71
C ILE B 167 13.89 -9.41 -5.17
N VAL B 168 14.99 -9.56 -4.44
CA VAL B 168 15.70 -8.40 -3.91
C VAL B 168 16.34 -7.60 -5.04
N ALA B 169 16.90 -8.29 -6.04
CA ALA B 169 17.43 -7.58 -7.20
C ALA B 169 16.33 -6.81 -7.92
N LEU B 170 15.14 -7.42 -8.04
CA LEU B 170 14.03 -6.75 -8.69
C LEU B 170 13.59 -5.52 -7.90
N VAL B 171 13.55 -5.61 -6.57
CA VAL B 171 13.13 -4.45 -5.78
C VAL B 171 14.19 -3.35 -5.84
N PHE B 172 15.47 -3.72 -5.91
CA PHE B 172 16.52 -2.72 -6.09
C PHE B 172 16.35 -2.01 -7.43
N ALA B 173 16.11 -2.79 -8.49
CA ALA B 173 15.91 -2.19 -9.80
C ALA B 173 14.69 -1.27 -9.82
N THR B 174 13.62 -1.69 -9.17
CA THR B 174 12.39 -0.90 -9.17
C THR B 174 12.57 0.41 -8.40
N TYR B 175 13.19 0.35 -7.23
CA TYR B 175 13.34 1.56 -6.44
C TYR B 175 14.55 2.39 -6.83
N LEU B 176 15.37 1.91 -7.77
CA LEU B 176 16.40 2.78 -8.35
C LEU B 176 15.83 3.69 -9.43
N LEU B 177 14.83 3.23 -10.16
CA LEU B 177 14.23 3.99 -11.26
C LEU B 177 12.98 4.77 -10.83
N LYS B 178 12.64 4.75 -9.53
CA LYS B 178 11.46 5.47 -9.07
C LYS B 178 11.49 6.96 -9.37
N PRO B 179 12.59 7.70 -9.18
CA PRO B 179 12.57 9.13 -9.54
C PRO B 179 12.24 9.39 -11.00
N LEU B 180 12.58 8.46 -11.89
CA LEU B 180 12.23 8.64 -13.31
C LEU B 180 10.73 8.60 -13.52
N PHE B 181 10.04 7.70 -12.83
CA PHE B 181 8.59 7.52 -12.95
C PHE B 181 7.97 7.63 -11.58
N PRO B 182 7.79 8.86 -11.08
CA PRO B 182 7.28 9.02 -9.71
C PRO B 182 5.89 8.44 -9.49
N THR B 183 5.03 8.44 -10.51
CA THR B 183 3.66 7.97 -10.36
C THR B 183 3.37 6.70 -11.17
N CYS B 184 3.61 6.73 -12.47
CA CYS B 184 3.35 5.56 -13.29
C CYS B 184 4.30 4.42 -12.92
N PRO B 185 3.84 3.18 -13.00
CA PRO B 185 4.71 2.04 -12.65
C PRO B 185 5.89 1.94 -13.61
N VAL B 186 7.03 1.53 -13.06
CA VAL B 186 8.24 1.36 -13.87
C VAL B 186 8.04 0.21 -14.85
N PRO B 187 8.40 0.37 -16.12
CA PRO B 187 8.24 -0.74 -17.08
C PRO B 187 9.04 -1.97 -16.66
N GLU B 188 8.46 -3.14 -16.89
CA GLU B 188 9.12 -4.38 -16.48
C GLU B 188 10.28 -4.74 -17.40
N GLU B 189 10.17 -4.40 -18.70
CA GLU B 189 11.26 -4.67 -19.62
C GLU B 189 12.53 -3.93 -19.25
N ALA B 190 12.43 -2.86 -18.46
CA ALA B 190 13.58 -2.11 -17.98
C ALA B 190 13.87 -2.36 -16.51
N ALA B 191 12.98 -3.05 -15.79
CA ALA B 191 13.19 -3.38 -14.39
C ALA B 191 13.82 -4.75 -14.19
N LYS B 192 13.57 -5.69 -15.10
CA LYS B 192 14.24 -6.98 -15.02
C LYS B 192 15.70 -6.88 -15.46
N LEU B 193 15.97 -6.05 -16.48
CA LEU B 193 17.32 -5.94 -16.99
C LEU B 193 18.26 -5.31 -15.97
N VAL B 194 17.78 -4.35 -15.19
CA VAL B 194 18.64 -3.75 -14.16
C VAL B 194 18.96 -4.77 -13.08
N ALA B 195 17.98 -5.61 -12.73
CA ALA B 195 18.25 -6.68 -11.76
C ALA B 195 19.28 -7.67 -12.30
N CYS B 196 19.15 -8.03 -13.58
CA CYS B 196 20.13 -8.94 -14.18
C CYS B 196 21.51 -8.32 -14.23
N LEU B 197 21.60 -7.03 -14.55
CA LEU B 197 22.89 -6.34 -14.54
C LEU B 197 23.51 -6.37 -13.15
N CYS B 198 22.71 -6.09 -12.12
CA CYS B 198 23.21 -6.13 -10.75
C CYS B 198 23.72 -7.53 -10.39
N VAL B 199 22.95 -8.56 -10.72
CA VAL B 199 23.33 -9.92 -10.38
C VAL B 199 24.63 -10.30 -11.06
N LEU B 200 24.75 -10.00 -12.36
CA LEU B 200 25.95 -10.36 -13.10
C LEU B 200 27.17 -9.62 -12.59
N LEU B 201 27.05 -8.32 -12.33
CA LEU B 201 28.19 -7.57 -11.82
C LEU B 201 28.62 -8.09 -10.45
N LEU B 202 27.66 -8.38 -9.58
CA LEU B 202 28.02 -8.87 -8.25
C LEU B 202 28.66 -10.25 -8.31
N THR B 203 28.18 -11.12 -9.22
CA THR B 203 28.82 -12.41 -9.40
C THR B 203 30.25 -12.25 -9.89
N ALA B 204 30.47 -11.33 -10.83
CA ALA B 204 31.83 -11.10 -11.30
C ALA B 204 32.73 -10.61 -10.18
N VAL B 205 32.21 -9.70 -9.34
CA VAL B 205 33.00 -9.19 -8.23
C VAL B 205 33.35 -10.31 -7.26
N ASN B 206 32.37 -11.16 -6.94
CA ASN B 206 32.62 -12.27 -6.02
C ASN B 206 33.62 -13.25 -6.59
N CYS B 207 33.52 -13.55 -7.89
CA CYS B 207 34.42 -14.51 -8.51
C CYS B 207 35.83 -13.95 -8.63
N TYR B 208 35.99 -12.63 -8.74
CA TYR B 208 37.33 -12.07 -8.84
C TYR B 208 38.10 -12.26 -7.53
N SER B 209 37.48 -11.94 -6.41
CA SER B 209 38.12 -12.10 -5.11
C SER B 209 37.04 -12.08 -4.03
N VAL B 210 37.48 -12.27 -2.78
CA VAL B 210 36.58 -12.26 -1.64
C VAL B 210 36.81 -10.99 -0.83
N LYS B 211 38.03 -10.46 -0.88
CA LYS B 211 38.32 -9.21 -0.18
C LYS B 211 37.47 -8.07 -0.71
N ALA B 212 37.33 -7.98 -2.03
CA ALA B 212 36.49 -6.95 -2.63
C ALA B 212 35.04 -7.11 -2.21
N ALA B 213 34.55 -8.36 -2.18
CA ALA B 213 33.18 -8.60 -1.75
C ALA B 213 32.96 -8.17 -0.31
N THR B 214 33.90 -8.50 0.58
CA THR B 214 33.76 -8.09 1.97
C THR B 214 33.77 -6.56 2.09
N ARG B 215 34.67 -5.89 1.36
CA ARG B 215 34.74 -4.44 1.43
C ARG B 215 33.45 -3.80 0.93
N VAL B 216 32.93 -4.28 -0.19
CA VAL B 216 31.72 -3.68 -0.76
C VAL B 216 30.51 -3.95 0.14
N GLN B 217 30.44 -5.15 0.74
CA GLN B 217 29.35 -5.43 1.66
C GLN B 217 29.41 -4.54 2.89
N ASP B 218 30.62 -4.32 3.44
CA ASP B 218 30.76 -3.43 4.58
C ASP B 218 30.37 -2.00 4.23
N ALA B 219 30.80 -1.52 3.05
CA ALA B 219 30.46 -0.17 2.64
C ALA B 219 28.96 -0.01 2.48
N PHE B 220 28.29 -1.00 1.89
CA PHE B 220 26.85 -0.88 1.67
C PHE B 220 26.06 -1.02 2.97
N ALA B 221 26.53 -1.85 3.90
CA ALA B 221 25.90 -1.89 5.22
C ALA B 221 26.04 -0.55 5.93
N ALA B 222 27.22 0.07 5.83
CA ALA B 222 27.40 1.40 6.40
C ALA B 222 26.46 2.41 5.76
N ALA B 223 26.28 2.33 4.44
CA ALA B 223 25.36 3.23 3.75
C ALA B 223 23.92 3.01 4.23
N LYS B 224 23.52 1.76 4.42
CA LYS B 224 22.18 1.45 4.90
C LYS B 224 21.95 2.05 6.29
N LEU B 225 22.91 1.85 7.19
CA LEU B 225 22.79 2.40 8.54
C LEU B 225 22.78 3.92 8.51
N LEU B 226 23.57 4.52 7.60
CA LEU B 226 23.57 5.97 7.46
C LEU B 226 22.22 6.48 6.99
N ALA B 227 21.59 5.79 6.04
CA ALA B 227 20.27 6.21 5.57
C ALA B 227 19.23 6.12 6.68
N LEU B 228 19.27 5.03 7.46
CA LEU B 228 18.33 4.91 8.57
C LEU B 228 18.59 5.99 9.62
N ALA B 229 19.86 6.32 9.87
CA ALA B 229 20.18 7.41 10.78
C ALA B 229 19.64 8.73 10.25
N LEU B 230 19.75 8.97 8.95
CA LEU B 230 19.25 10.22 8.37
C LEU B 230 17.75 10.33 8.52
N ILE B 231 17.02 9.25 8.22
CA ILE B 231 15.55 9.33 8.31
C ILE B 231 15.12 9.53 9.76
N ILE B 232 15.75 8.82 10.69
CA ILE B 232 15.34 8.99 12.10
C ILE B 232 15.73 10.38 12.60
N LEU B 233 16.87 10.92 12.14
CA LEU B 233 17.24 12.27 12.55
C LEU B 233 16.25 13.30 12.05
N LEU B 234 15.80 13.16 10.79
CA LEU B 234 14.80 14.09 10.27
C LEU B 234 13.49 13.97 11.06
N GLY B 235 13.09 12.73 11.37
CA GLY B 235 11.89 12.54 12.17
C GLY B 235 11.99 13.19 13.54
N PHE B 236 13.13 13.02 14.20
CA PHE B 236 13.33 13.64 15.51
C PHE B 236 13.38 15.16 15.43
N VAL B 237 13.95 15.70 14.34
CA VAL B 237 13.96 17.14 14.16
C VAL B 237 12.53 17.66 14.01
N GLN B 238 11.70 16.95 13.25
CA GLN B 238 10.29 17.33 13.16
C GLN B 238 9.61 17.22 14.51
N ILE B 239 9.97 16.21 15.31
CA ILE B 239 9.45 16.09 16.66
C ILE B 239 9.82 17.32 17.48
N GLY B 240 11.04 17.83 17.29
CA GLY B 240 11.49 19.01 18.03
C GLY B 240 10.72 20.28 17.73
N LYS B 241 9.89 20.27 16.69
CA LYS B 241 9.08 21.43 16.35
C LYS B 241 7.87 21.50 17.29
N GLY B 242 6.91 22.37 16.97
CA GLY B 242 5.75 22.56 17.81
C GLY B 242 4.60 21.62 17.51
N ASP B 243 4.82 20.66 16.61
CA ASP B 243 3.81 19.69 16.23
C ASP B 243 4.28 18.29 16.63
N VAL B 244 3.38 17.52 17.27
CA VAL B 244 3.67 16.17 17.70
C VAL B 244 2.83 15.14 16.95
N SER B 245 1.53 15.41 16.80
CA SER B 245 0.61 14.53 16.09
C SER B 245 0.67 13.10 16.60
N ASN B 246 0.73 12.96 17.92
CA ASN B 246 0.80 11.66 18.57
C ASN B 246 -0.44 11.45 19.43
N LEU B 247 -0.78 10.18 19.65
CA LEU B 247 -2.01 9.81 20.36
C LEU B 247 -1.77 9.91 21.87
N ASP B 248 -1.77 11.17 22.36
CA ASP B 248 -1.62 11.38 23.79
C ASP B 248 -2.92 11.14 24.56
N PRO B 249 -4.06 11.79 24.21
CA PRO B 249 -5.22 11.73 25.12
C PRO B 249 -5.89 10.36 25.18
N ASN B 250 -6.12 9.73 24.03
CA ASN B 250 -6.84 8.47 24.00
C ASN B 250 -6.18 7.54 22.98
N PHE B 251 -6.59 6.29 23.00
CA PHE B 251 -6.06 5.29 22.08
C PHE B 251 -6.68 5.47 20.69
N SER B 252 -5.83 5.37 19.67
CA SER B 252 -6.32 5.48 18.29
C SER B 252 -7.25 4.32 17.95
N PHE B 253 -6.87 3.11 18.36
CA PHE B 253 -7.65 1.91 18.07
C PHE B 253 -7.43 0.89 19.19
N GLU B 254 -8.37 -0.03 19.32
CA GLU B 254 -8.24 -1.09 20.31
C GLU B 254 -7.72 -2.39 19.71
N GLY B 255 -8.04 -2.67 18.44
CA GLY B 255 -7.53 -3.84 17.77
C GLY B 255 -7.90 -5.15 18.44
N THR B 256 -9.18 -5.29 18.81
CA THR B 256 -9.61 -6.50 19.50
C THR B 256 -9.44 -7.73 18.62
N LYS B 257 -9.98 -7.67 17.40
CA LYS B 257 -9.93 -8.81 16.49
C LYS B 257 -10.37 -8.35 15.11
N LEU B 258 -9.58 -8.69 14.08
CA LEU B 258 -9.98 -8.36 12.72
C LEU B 258 -11.02 -9.34 12.21
N ASP B 259 -10.64 -10.60 12.03
CA ASP B 259 -11.60 -11.68 11.87
C ASP B 259 -11.45 -12.73 12.97
N VAL B 260 -10.28 -13.35 13.10
CA VAL B 260 -9.96 -14.23 14.21
C VAL B 260 -8.60 -13.84 14.77
N GLY B 261 -7.79 -13.18 13.94
CA GLY B 261 -6.40 -12.90 14.28
C GLY B 261 -6.21 -11.71 15.18
N ASN B 262 -6.48 -11.90 16.47
CA ASN B 262 -6.37 -10.80 17.43
C ASN B 262 -4.93 -10.30 17.53
N ILE B 263 -3.98 -11.20 17.77
CA ILE B 263 -2.58 -10.85 17.98
C ILE B 263 -1.66 -11.57 17.00
N VAL B 264 -1.91 -12.87 16.77
CA VAL B 264 -0.93 -13.73 16.10
C VAL B 264 -0.63 -13.24 14.69
N LEU B 265 -1.57 -12.56 14.03
CA LEU B 265 -1.32 -12.08 12.68
C LEU B 265 -0.21 -11.03 12.67
N ALA B 266 -0.16 -10.18 13.70
CA ALA B 266 0.92 -9.21 13.80
C ALA B 266 2.27 -9.90 13.96
N LEU B 267 2.33 -10.94 14.80
CA LEU B 267 3.56 -11.71 14.93
C LEU B 267 3.98 -12.33 13.62
N TYR B 268 3.01 -12.91 12.89
CA TYR B 268 3.35 -13.56 11.63
C TYR B 268 3.89 -12.55 10.62
N SER B 269 3.15 -11.46 10.38
CA SER B 269 3.66 -10.40 9.51
C SER B 269 4.37 -9.32 10.32
N GLY B 270 5.24 -9.75 11.23
CA GLY B 270 6.16 -8.87 11.91
C GLY B 270 7.52 -9.52 12.03
N LEU B 271 7.60 -10.78 11.62
CA LEU B 271 8.85 -11.53 11.57
C LEU B 271 9.45 -11.54 10.16
N PHE B 272 8.86 -10.85 9.20
CA PHE B 272 9.47 -10.81 7.88
C PHE B 272 10.60 -9.78 7.79
N ALA B 273 10.56 -8.75 8.61
CA ALA B 273 11.66 -7.79 8.61
C ALA B 273 12.96 -8.43 9.06
N TYR B 274 12.88 -9.51 9.83
CA TYR B 274 14.04 -10.27 10.24
C TYR B 274 14.21 -11.45 9.29
N GLY B 275 15.10 -12.38 9.62
CA GLY B 275 15.31 -13.55 8.79
C GLY B 275 16.76 -13.88 8.57
N GLY B 276 17.61 -12.86 8.54
CA GLY B 276 19.04 -13.07 8.41
C GLY B 276 19.76 -13.23 9.73
N TRP B 277 18.99 -13.37 10.79
CA TRP B 277 19.57 -13.53 12.10
C TRP B 277 20.33 -14.79 12.01
N ASN B 278 20.05 -15.59 11.00
CA ASN B 278 20.69 -16.88 10.95
C ASN B 278 21.51 -17.14 9.71
N TYR B 279 22.25 -16.20 9.19
CA TYR B 279 23.00 -16.53 7.95
C TYR B 279 24.44 -16.74 8.13
N LEU B 280 25.00 -15.96 8.99
CA LEU B 280 26.42 -15.92 9.23
C LEU B 280 26.90 -17.34 9.48
N ASN B 281 25.99 -18.24 9.85
CA ASN B 281 26.42 -19.61 10.02
C ASN B 281 26.65 -20.33 8.70
N PHE B 282 26.12 -19.80 7.59
CA PHE B 282 26.43 -20.36 6.28
C PHE B 282 27.85 -20.05 5.84
N VAL B 283 28.56 -19.19 6.56
CA VAL B 283 29.88 -18.74 6.16
C VAL B 283 30.98 -19.26 7.08
N THR B 284 30.67 -19.64 8.32
CA THR B 284 31.65 -19.99 9.34
C THR B 284 32.63 -21.05 8.87
N GLU B 285 33.76 -21.17 9.56
CA GLU B 285 35.01 -21.82 9.17
C GLU B 285 35.78 -20.96 8.18
N GLU B 286 35.22 -19.84 7.72
CA GLU B 286 35.95 -18.84 6.96
C GLU B 286 36.17 -17.56 7.75
N MET B 287 35.74 -17.53 9.01
CA MET B 287 35.86 -16.35 9.85
C MET B 287 37.22 -16.34 10.56
N ILE B 288 37.45 -15.30 11.35
CA ILE B 288 38.66 -15.17 12.16
C ILE B 288 38.28 -15.49 13.59
N ASN B 289 38.80 -16.59 14.13
CA ASN B 289 38.48 -17.07 15.46
C ASN B 289 36.97 -17.20 15.62
N PRO B 290 36.33 -18.16 14.95
CA PRO B 290 34.86 -18.22 14.96
C PRO B 290 34.26 -18.38 16.35
N TYR B 291 34.90 -19.16 17.22
CA TYR B 291 34.34 -19.44 18.55
C TYR B 291 34.11 -18.17 19.36
N ARG B 292 34.85 -17.11 19.03
CA ARG B 292 34.75 -15.83 19.74
C ARG B 292 33.93 -14.81 18.95
N ASN B 293 34.12 -14.74 17.63
CA ASN B 293 33.53 -13.68 16.83
C ASN B 293 32.16 -14.01 16.26
N LEU B 294 31.70 -15.27 16.35
CA LEU B 294 30.34 -15.55 15.86
C LEU B 294 29.28 -15.12 16.86
N PRO B 295 29.30 -15.57 18.12
CA PRO B 295 28.31 -15.04 19.07
C PRO B 295 28.42 -13.54 19.28
N LEU B 296 29.64 -13.00 19.25
CA LEU B 296 29.81 -11.56 19.37
C LEU B 296 29.17 -10.84 18.18
N ALA B 297 29.34 -11.38 16.98
CA ALA B 297 28.71 -10.77 15.81
C ALA B 297 27.19 -10.79 15.94
N ILE B 298 26.63 -11.91 16.37
CA ILE B 298 25.17 -11.98 16.54
C ILE B 298 24.70 -10.98 17.59
N ILE B 299 25.42 -10.90 18.72
CA ILE B 299 25.02 -10.03 19.82
C ILE B 299 25.13 -8.56 19.41
N ILE B 300 26.13 -8.22 18.60
CA ILE B 300 26.25 -6.85 18.13
C ILE B 300 25.15 -6.54 17.11
N SER B 301 24.85 -7.49 16.23
CA SER B 301 23.94 -7.21 15.12
C SER B 301 22.49 -7.10 15.57
N LEU B 302 22.01 -8.06 16.37
CA LEU B 302 20.57 -8.25 16.46
C LEU B 302 19.85 -7.20 17.31
N PRO B 303 20.25 -6.93 18.57
CA PRO B 303 19.55 -5.88 19.32
C PRO B 303 19.63 -4.52 18.64
N ILE B 304 20.73 -4.23 17.95
CA ILE B 304 20.84 -2.98 17.20
C ILE B 304 19.74 -2.91 16.15
N VAL B 305 19.55 -4.00 15.40
CA VAL B 305 18.57 -3.96 14.31
C VAL B 305 17.15 -3.89 14.85
N THR B 306 16.86 -4.56 15.97
CA THR B 306 15.50 -4.47 16.49
C THR B 306 15.22 -3.09 17.08
N LEU B 307 16.21 -2.49 17.76
CA LEU B 307 16.03 -1.14 18.25
C LEU B 307 15.81 -0.16 17.10
N VAL B 308 16.58 -0.32 16.01
CA VAL B 308 16.41 0.54 14.85
C VAL B 308 15.03 0.37 14.25
N TYR B 309 14.56 -0.88 14.14
CA TYR B 309 13.22 -1.11 13.59
C TYR B 309 12.16 -0.43 14.43
N VAL B 310 12.22 -0.60 15.75
CA VAL B 310 11.21 0.00 16.62
C VAL B 310 11.25 1.52 16.51
N LEU B 311 12.46 2.11 16.53
CA LEU B 311 12.57 3.56 16.54
C LEU B 311 12.12 4.16 15.21
N THR B 312 12.47 3.53 14.09
CA THR B 312 12.01 4.04 12.81
C THR B 312 10.51 3.83 12.62
N ASN B 313 9.94 2.78 13.21
CA ASN B 313 8.49 2.64 13.17
C ASN B 313 7.81 3.77 13.96
N LEU B 314 8.39 4.12 15.12
CA LEU B 314 7.87 5.26 15.88
C LEU B 314 7.95 6.54 15.06
N ALA B 315 9.07 6.73 14.35
CA ALA B 315 9.20 7.92 13.50
C ALA B 315 8.15 7.92 12.40
N TYR B 316 7.91 6.77 11.77
CA TYR B 316 6.90 6.68 10.72
C TYR B 316 5.52 7.03 11.27
N PHE B 317 5.19 6.53 12.46
CA PHE B 317 3.89 6.85 13.05
C PHE B 317 3.78 8.32 13.40
N THR B 318 4.84 8.92 13.95
CA THR B 318 4.76 10.28 14.44
C THR B 318 4.99 11.33 13.35
N THR B 319 5.37 10.93 12.14
CA THR B 319 5.55 11.89 11.06
C THR B 319 4.50 11.79 9.96
N LEU B 320 3.81 10.66 9.84
CA LEU B 320 2.75 10.49 8.85
C LEU B 320 1.48 10.02 9.54
N SER B 321 0.34 10.54 9.08
CA SER B 321 -0.94 10.17 9.67
C SER B 321 -1.30 8.73 9.30
N THR B 322 -2.09 8.10 10.17
CA THR B 322 -2.45 6.70 9.98
C THR B 322 -3.30 6.50 8.73
N GLU B 323 -4.28 7.37 8.52
CA GLU B 323 -5.29 7.14 7.49
C GLU B 323 -4.66 7.10 6.09
N GLN B 324 -3.84 8.11 5.77
CA GLN B 324 -3.29 8.17 4.42
C GLN B 324 -2.17 7.15 4.21
N MET B 325 -1.38 6.85 5.25
CA MET B 325 -0.28 5.93 5.09
C MET B 325 -0.76 4.48 5.03
N LEU B 326 -1.90 4.17 5.64
CA LEU B 326 -2.46 2.82 5.51
C LEU B 326 -2.82 2.52 4.05
N SER B 327 -3.37 3.50 3.35
CA SER B 327 -3.71 3.33 1.93
C SER B 327 -2.53 3.79 1.06
N SER B 328 -1.51 2.93 1.03
CA SER B 328 -0.31 3.20 0.26
C SER B 328 0.20 1.90 -0.36
N GLU B 329 0.96 2.05 -1.44
CA GLU B 329 1.49 0.90 -2.17
C GLU B 329 3.00 0.95 -2.34
N ALA B 330 3.63 2.12 -2.29
CA ALA B 330 5.07 2.27 -2.49
C ALA B 330 5.66 3.11 -1.38
N VAL B 331 5.42 2.70 -0.13
CA VAL B 331 5.86 3.49 1.02
C VAL B 331 7.37 3.69 0.99
N ALA B 332 7.82 4.71 1.73
CA ALA B 332 9.19 5.22 1.79
C ALA B 332 9.57 6.06 0.59
N VAL B 333 8.59 6.64 -0.10
CA VAL B 333 8.84 7.73 -1.05
C VAL B 333 8.08 8.99 -0.64
N ASP B 334 6.84 8.86 -0.18
CA ASP B 334 6.09 10.02 0.28
C ASP B 334 6.76 10.66 1.49
N PHE B 335 7.48 9.86 2.28
CA PHE B 335 8.24 10.42 3.40
C PHE B 335 9.29 11.40 2.91
N GLY B 336 10.01 11.04 1.84
CA GLY B 336 10.99 11.96 1.29
C GLY B 336 10.37 13.12 0.54
N ASN B 337 9.17 12.92 -0.03
CA ASN B 337 8.53 13.98 -0.78
C ASN B 337 7.97 15.06 0.14
N TYR B 338 7.34 14.66 1.25
CA TYR B 338 6.64 15.64 2.09
C TYR B 338 7.63 16.50 2.86
N HIS B 339 8.64 15.89 3.50
CA HIS B 339 9.45 16.61 4.46
C HIS B 339 10.48 17.51 3.78
N LEU B 340 11.40 16.92 3.03
CA LEU B 340 12.49 17.68 2.43
C LEU B 340 12.16 18.20 1.04
N GLY B 341 10.99 17.85 0.50
CA GLY B 341 10.50 18.42 -0.75
C GLY B 341 11.41 18.23 -1.94
N VAL B 342 12.07 19.31 -2.37
CA VAL B 342 12.95 19.24 -3.53
C VAL B 342 14.08 18.25 -3.26
N MET B 343 14.66 17.73 -4.35
CA MET B 343 15.72 16.72 -4.32
C MET B 343 15.33 15.52 -3.47
N SER B 344 14.05 15.16 -3.52
CA SER B 344 13.55 14.01 -2.75
C SER B 344 14.16 12.70 -3.22
N TRP B 345 14.66 12.63 -4.45
CA TRP B 345 15.19 11.38 -5.00
C TRP B 345 16.35 10.82 -4.19
N ILE B 346 16.86 11.57 -3.22
CA ILE B 346 17.93 11.05 -2.36
C ILE B 346 17.41 9.97 -1.42
N ILE B 347 16.12 9.97 -1.11
CA ILE B 347 15.55 8.96 -0.21
C ILE B 347 15.33 7.64 -0.95
N PRO B 348 14.60 7.59 -2.08
CA PRO B 348 14.37 6.27 -2.69
C PRO B 348 15.62 5.67 -3.32
N VAL B 349 16.40 6.46 -4.07
CA VAL B 349 17.56 5.91 -4.76
C VAL B 349 18.50 5.24 -3.77
N PHE B 350 18.81 5.95 -2.67
CA PHE B 350 19.67 5.38 -1.66
C PHE B 350 19.09 4.08 -1.11
N VAL B 351 17.77 4.06 -0.90
CA VAL B 351 17.10 2.84 -0.46
C VAL B 351 17.39 1.71 -1.44
N GLY B 352 17.28 2.00 -2.74
CA GLY B 352 17.62 0.99 -3.73
C GLY B 352 19.04 0.48 -3.55
N LEU B 353 19.98 1.40 -3.33
CA LEU B 353 21.36 1.01 -3.10
C LEU B 353 21.45 0.00 -1.97
N SER B 354 20.69 0.24 -0.89
CA SER B 354 20.59 -0.71 0.21
C SER B 354 20.38 -2.13 -0.30
N CYS B 355 19.29 -2.33 -1.05
CA CYS B 355 18.96 -3.66 -1.53
C CYS B 355 20.13 -4.28 -2.29
N PHE B 356 20.82 -3.45 -3.10
CA PHE B 356 21.99 -3.91 -3.82
C PHE B 356 22.92 -4.68 -2.90
N GLY B 357 23.39 -4.03 -1.84
CA GLY B 357 24.34 -4.67 -0.96
C GLY B 357 23.82 -5.99 -0.42
N SER B 358 22.53 -6.02 -0.07
CA SER B 358 21.98 -7.24 0.53
C SER B 358 22.16 -8.42 -0.40
N VAL B 359 21.91 -8.23 -1.70
CA VAL B 359 22.05 -9.33 -2.65
C VAL B 359 23.44 -9.93 -2.54
N ASN B 360 24.47 -9.07 -2.54
CA ASN B 360 25.84 -9.55 -2.41
C ASN B 360 25.96 -10.48 -1.21
N GLY B 361 25.49 -10.01 -0.06
CA GLY B 361 25.52 -10.81 1.15
C GLY B 361 24.95 -12.18 0.87
N SER B 362 23.68 -12.22 0.44
CA SER B 362 23.04 -13.49 0.19
C SER B 362 23.84 -14.30 -0.82
N LEU B 363 24.24 -13.65 -1.92
CA LEU B 363 25.00 -14.34 -2.95
C LEU B 363 26.18 -15.07 -2.34
N PHE B 364 26.94 -14.35 -1.51
CA PHE B 364 28.09 -14.95 -0.82
C PHE B 364 27.70 -16.28 -0.21
N THR B 365 26.75 -16.25 0.74
CA THR B 365 26.42 -17.47 1.47
C THR B 365 25.95 -18.56 0.51
N SER B 366 25.19 -18.17 -0.51
CA SER B 366 24.66 -19.17 -1.44
C SER B 366 25.80 -20.01 -1.99
N SER B 367 26.86 -19.36 -2.47
CA SER B 367 27.98 -20.10 -3.02
C SER B 367 28.54 -21.07 -2.00
N ARG B 368 28.77 -20.59 -0.77
CA ARG B 368 29.33 -21.44 0.26
C ARG B 368 28.46 -22.68 0.48
N LEU B 369 27.13 -22.50 0.43
CA LEU B 369 26.24 -23.64 0.61
C LEU B 369 26.53 -24.71 -0.43
N PHE B 370 26.56 -24.33 -1.70
CA PHE B 370 26.84 -25.31 -2.75
C PHE B 370 28.29 -25.75 -2.74
N PHE B 371 29.16 -25.06 -2.02
CA PHE B 371 30.52 -25.54 -1.84
C PHE B 371 30.56 -26.69 -0.84
N VAL B 372 29.61 -26.74 0.09
CA VAL B 372 29.67 -27.72 1.17
C VAL B 372 28.85 -28.96 0.84
N GLY B 373 27.70 -28.79 0.18
CA GLY B 373 26.87 -29.94 -0.15
C GLY B 373 27.61 -30.93 -1.03
N SER B 374 28.25 -30.44 -2.10
CA SER B 374 29.04 -31.32 -2.96
C SER B 374 30.22 -31.91 -2.23
N ARG B 375 30.56 -31.43 -1.04
CA ARG B 375 31.64 -32.09 -0.31
C ARG B 375 31.20 -33.45 0.15
N GLU B 376 29.90 -33.62 0.37
CA GLU B 376 29.41 -34.88 0.90
C GLU B 376 28.88 -35.81 -0.19
N GLY B 377 29.12 -35.48 -1.47
CA GLY B 377 28.58 -36.27 -2.55
C GLY B 377 27.12 -36.01 -2.86
N HIS B 378 26.48 -35.07 -2.16
CA HIS B 378 25.08 -34.76 -2.41
C HIS B 378 24.90 -34.13 -3.79
N LEU B 379 25.79 -33.18 -4.14
CA LEU B 379 25.91 -32.44 -5.38
C LEU B 379 27.11 -32.97 -6.19
N PRO B 380 27.10 -32.83 -7.51
CA PRO B 380 28.20 -33.36 -8.32
C PRO B 380 29.54 -32.76 -7.91
N SER B 381 30.59 -33.56 -8.06
CA SER B 381 31.92 -33.17 -7.63
C SER B 381 32.54 -32.07 -8.49
N ILE B 382 31.92 -31.72 -9.61
CA ILE B 382 32.45 -30.65 -10.44
C ILE B 382 32.47 -29.34 -9.65
N LEU B 383 31.41 -29.08 -8.88
CA LEU B 383 31.39 -27.94 -7.97
C LEU B 383 32.40 -28.17 -6.85
N SER B 384 32.59 -27.13 -6.03
CA SER B 384 33.55 -27.17 -4.92
C SER B 384 34.97 -27.45 -5.41
N MET B 385 35.33 -26.83 -6.53
CA MET B 385 36.67 -26.96 -7.12
C MET B 385 37.23 -25.56 -7.27
N ILE B 386 38.01 -25.12 -6.28
CA ILE B 386 38.46 -23.74 -6.23
C ILE B 386 39.43 -23.45 -7.38
N HIS B 387 39.66 -22.16 -7.61
CA HIS B 387 40.60 -21.70 -8.62
C HIS B 387 41.83 -21.13 -7.92
N PRO B 388 43.02 -21.69 -8.13
CA PRO B 388 44.21 -21.20 -7.42
C PRO B 388 44.58 -19.79 -7.85
N GLN B 389 45.51 -19.20 -7.09
CA GLN B 389 45.99 -17.83 -7.24
C GLN B 389 44.89 -16.80 -7.01
N LEU B 390 43.66 -17.26 -6.79
CA LEU B 390 42.57 -16.40 -6.34
C LEU B 390 41.75 -16.99 -5.21
N LEU B 391 41.77 -18.32 -5.02
CA LEU B 391 41.12 -18.98 -3.89
C LEU B 391 39.64 -18.62 -3.83
N THR B 392 38.98 -18.68 -4.98
CA THR B 392 37.55 -18.39 -5.07
C THR B 392 36.83 -19.52 -5.79
N PRO B 393 35.70 -19.98 -5.25
CA PRO B 393 34.99 -21.10 -5.88
C PRO B 393 34.26 -20.68 -7.15
N VAL B 394 34.99 -20.64 -8.27
CA VAL B 394 34.41 -20.12 -9.51
C VAL B 394 33.21 -20.94 -9.97
N PRO B 395 33.28 -22.27 -10.09
CA PRO B 395 32.09 -23.01 -10.57
C PRO B 395 30.88 -22.84 -9.67
N SER B 396 31.08 -22.78 -8.35
CA SER B 396 29.94 -22.62 -7.45
C SER B 396 29.28 -21.27 -7.65
N LEU B 397 30.08 -20.20 -7.79
CA LEU B 397 29.51 -18.87 -8.01
C LEU B 397 28.79 -18.79 -9.34
N VAL B 398 29.37 -19.40 -10.38
CA VAL B 398 28.71 -19.39 -11.68
C VAL B 398 27.37 -20.12 -11.59
N PHE B 399 27.34 -21.26 -10.89
CA PHE B 399 26.11 -22.01 -10.71
C PHE B 399 25.07 -21.18 -9.96
N THR B 400 25.50 -20.49 -8.89
CA THR B 400 24.57 -19.67 -8.12
C THR B 400 23.97 -18.55 -8.98
N CYS B 401 24.82 -17.87 -9.74
CA CYS B 401 24.33 -16.78 -10.59
C CYS B 401 23.38 -17.28 -11.66
N VAL B 402 23.71 -18.41 -12.28
CA VAL B 402 22.83 -18.96 -13.32
C VAL B 402 21.49 -19.36 -12.75
N MET B 403 21.50 -20.05 -11.59
CA MET B 403 20.23 -20.47 -11.01
C MET B 403 19.40 -19.29 -10.53
N THR B 404 20.04 -18.23 -10.04
CA THR B 404 19.29 -17.02 -9.68
C THR B 404 18.68 -16.37 -10.91
N LEU B 405 19.43 -16.31 -12.02
CA LEU B 405 18.89 -15.74 -13.25
C LEU B 405 17.75 -16.57 -13.80
N LEU B 406 17.77 -17.89 -13.57
CA LEU B 406 16.79 -18.77 -14.20
C LEU B 406 15.35 -18.42 -13.86
N TYR B 407 15.10 -17.72 -12.75
CA TYR B 407 13.76 -17.38 -12.34
C TYR B 407 13.29 -16.03 -12.90
N ALA B 408 14.02 -15.45 -13.86
CA ALA B 408 13.59 -14.19 -14.45
C ALA B 408 12.40 -14.37 -15.38
N PHE B 409 12.02 -15.60 -15.71
CA PHE B 409 10.90 -15.85 -16.60
C PHE B 409 9.56 -15.93 -15.87
N SER B 410 9.56 -15.90 -14.55
CA SER B 410 8.32 -15.92 -13.78
C SER B 410 7.67 -14.56 -13.87
N LYS B 411 6.54 -14.48 -14.58
CA LYS B 411 5.85 -13.20 -14.78
C LYS B 411 5.18 -12.69 -13.52
N ASP B 412 5.11 -13.50 -12.47
CA ASP B 412 4.49 -13.13 -11.20
C ASP B 412 5.56 -12.89 -10.14
N ILE B 413 5.12 -12.44 -8.97
CA ILE B 413 6.02 -12.19 -7.85
C ILE B 413 5.47 -12.83 -6.58
N PHE B 414 4.21 -13.25 -6.63
CA PHE B 414 3.54 -13.80 -5.46
C PHE B 414 3.83 -15.27 -5.22
N SER B 415 4.09 -16.04 -6.27
CA SER B 415 4.17 -17.49 -6.16
C SER B 415 5.61 -17.91 -5.82
N VAL B 416 5.87 -19.21 -5.93
CA VAL B 416 7.20 -19.81 -5.78
C VAL B 416 7.68 -19.66 -4.33
N ILE B 417 7.83 -18.42 -3.86
CA ILE B 417 8.39 -18.20 -2.54
C ILE B 417 7.33 -18.21 -1.43
N ASN B 418 6.07 -17.96 -1.77
CA ASN B 418 5.02 -17.94 -0.75
C ASN B 418 4.48 -19.33 -0.41
N PHE B 419 4.83 -20.35 -1.20
CA PHE B 419 4.44 -21.70 -0.83
C PHE B 419 5.25 -22.20 0.37
N PHE B 420 6.52 -21.81 0.46
CA PHE B 420 7.44 -22.35 1.44
C PHE B 420 7.74 -21.37 2.58
N SER B 421 6.77 -20.53 2.93
CA SER B 421 6.96 -19.64 4.07
C SER B 421 7.13 -20.43 5.36
N PHE B 422 6.35 -21.50 5.51
CA PHE B 422 6.45 -22.40 6.65
C PHE B 422 7.73 -23.23 6.64
N PHE B 423 8.44 -23.28 5.51
CA PHE B 423 9.56 -24.20 5.38
C PHE B 423 10.72 -23.81 6.29
N ASN B 424 11.10 -22.53 6.27
CA ASN B 424 12.19 -22.09 7.15
C ASN B 424 11.80 -22.25 8.61
N TRP B 425 10.53 -22.01 8.93
CA TRP B 425 10.07 -22.16 10.32
C TRP B 425 10.19 -23.60 10.78
N LEU B 426 9.82 -24.56 9.93
CA LEU B 426 9.97 -25.95 10.34
C LEU B 426 11.43 -26.38 10.33
N CYS B 427 12.24 -25.81 9.43
CA CYS B 427 13.65 -26.21 9.36
C CYS B 427 14.44 -25.71 10.56
N VAL B 428 14.11 -24.54 11.09
CA VAL B 428 14.77 -24.06 12.30
C VAL B 428 14.52 -25.02 13.44
N ALA B 429 13.27 -25.46 13.59
CA ALA B 429 12.95 -26.44 14.63
C ALA B 429 13.64 -27.78 14.36
N LEU B 430 13.67 -28.22 13.11
CA LEU B 430 14.28 -29.50 12.77
C LEU B 430 15.78 -29.49 13.01
N ALA B 431 16.42 -28.32 12.91
CA ALA B 431 17.84 -28.19 13.17
C ALA B 431 18.15 -27.87 14.61
N ILE B 432 17.18 -27.37 15.38
CA ILE B 432 17.41 -27.09 16.79
C ILE B 432 16.97 -28.24 17.70
N ILE B 433 16.15 -29.18 17.20
CA ILE B 433 15.96 -30.42 17.94
C ILE B 433 17.23 -31.24 17.94
N GLY B 434 18.07 -31.07 16.91
CA GLY B 434 19.37 -31.69 16.92
C GLY B 434 20.23 -31.23 18.08
N MET B 435 20.04 -29.99 18.52
CA MET B 435 20.71 -29.52 19.73
C MET B 435 20.38 -30.40 20.92
N ILE B 436 19.09 -30.65 21.15
CA ILE B 436 18.67 -31.46 22.30
C ILE B 436 19.10 -32.90 22.12
N TRP B 437 19.00 -33.42 20.89
CA TRP B 437 19.43 -34.79 20.64
C TRP B 437 20.92 -34.96 20.93
N LEU B 438 21.75 -34.02 20.46
CA LEU B 438 23.17 -34.08 20.74
C LEU B 438 23.47 -33.93 22.22
N ARG B 439 22.72 -33.06 22.92
CA ARG B 439 22.91 -32.93 24.36
C ARG B 439 22.53 -34.23 25.08
N HIS B 440 21.55 -34.96 24.55
CA HIS B 440 21.14 -36.22 25.17
C HIS B 440 22.13 -37.34 24.89
N ARG B 441 22.69 -37.38 23.67
CA ARG B 441 23.54 -38.50 23.27
C ARG B 441 24.99 -38.30 23.71
N LYS B 442 25.58 -37.16 23.36
CA LYS B 442 27.02 -36.90 23.58
C LYS B 442 27.19 -35.58 24.31
N PRO B 443 26.96 -35.55 25.66
CA PRO B 443 27.08 -34.31 26.42
C PRO B 443 28.50 -34.00 26.88
N GLU B 444 29.48 -34.13 25.97
CA GLU B 444 30.86 -33.82 26.32
C GLU B 444 31.58 -33.00 25.26
N LEU B 445 30.90 -32.50 24.23
CA LEU B 445 31.56 -31.68 23.24
C LEU B 445 31.86 -30.30 23.82
N GLU B 446 32.89 -29.65 23.27
CA GLU B 446 33.32 -28.35 23.79
C GLU B 446 32.26 -27.29 23.54
N ARG B 447 32.03 -26.45 24.55
CA ARG B 447 31.03 -25.40 24.49
C ARG B 447 31.61 -24.15 25.12
N PRO B 448 32.17 -23.23 24.32
CA PRO B 448 32.82 -22.06 24.91
C PRO B 448 31.85 -21.05 25.50
N ILE B 449 30.58 -21.11 25.10
CA ILE B 449 29.55 -20.21 25.64
C ILE B 449 28.34 -21.04 26.00
N LYS B 450 27.64 -20.62 27.06
CA LYS B 450 26.40 -21.27 27.49
C LYS B 450 25.38 -20.21 27.88
N VAL B 451 24.12 -20.47 27.51
CA VAL B 451 23.02 -19.57 27.89
C VAL B 451 22.09 -20.33 28.81
N ASN B 452 21.09 -19.63 29.35
CA ASN B 452 20.12 -20.28 30.22
C ASN B 452 19.35 -21.35 29.45
N LEU B 453 19.20 -22.52 30.08
CA LEU B 453 18.59 -23.67 29.41
C LEU B 453 17.07 -23.48 29.38
N ALA B 454 16.36 -24.50 28.89
CA ALA B 454 14.91 -24.55 28.73
C ALA B 454 14.39 -23.54 27.71
N LEU B 455 15.27 -22.77 27.06
CA LEU B 455 14.87 -21.88 25.99
C LEU B 455 14.66 -22.62 24.67
N PRO B 456 15.48 -23.63 24.33
CA PRO B 456 15.20 -24.39 23.10
C PRO B 456 13.80 -25.00 23.04
N VAL B 457 13.28 -25.50 24.15
CA VAL B 457 11.93 -26.08 24.12
C VAL B 457 10.89 -24.98 23.92
N PHE B 458 11.12 -23.81 24.51
CA PHE B 458 10.23 -22.69 24.28
C PHE B 458 10.24 -22.27 22.81
N PHE B 459 11.42 -22.26 22.19
CA PHE B 459 11.51 -21.93 20.78
C PHE B 459 10.87 -23.01 19.91
N ILE B 460 10.95 -24.28 20.33
CA ILE B 460 10.24 -25.34 19.63
C ILE B 460 8.73 -25.10 19.68
N LEU B 461 8.23 -24.74 20.86
CA LEU B 461 6.81 -24.43 21.00
C LEU B 461 6.43 -23.28 20.08
N ALA B 462 7.25 -22.23 20.06
CA ALA B 462 6.97 -21.08 19.21
C ALA B 462 6.99 -21.45 17.73
N CYS B 463 7.96 -22.27 17.32
CA CYS B 463 8.05 -22.68 15.92
C CYS B 463 6.85 -23.52 15.51
N LEU B 464 6.43 -24.45 16.37
CA LEU B 464 5.25 -25.25 16.08
C LEU B 464 4.00 -24.38 16.00
N PHE B 465 3.87 -23.41 16.91
CA PHE B 465 2.76 -22.47 16.83
C PHE B 465 2.78 -21.68 15.54
N LEU B 466 3.98 -21.26 15.10
CA LEU B 466 4.09 -20.47 13.88
C LEU B 466 3.72 -21.28 12.64
N ILE B 467 4.18 -22.53 12.56
CA ILE B 467 3.81 -23.33 11.39
C ILE B 467 2.32 -23.66 11.42
N ALA B 468 1.76 -23.87 12.61
CA ALA B 468 0.32 -24.08 12.70
C ALA B 468 -0.45 -22.84 12.24
N VAL B 469 0.00 -21.65 12.65
CA VAL B 469 -0.65 -20.41 12.23
C VAL B 469 -0.57 -20.23 10.72
N SER B 470 0.60 -20.51 10.15
CA SER B 470 0.76 -20.38 8.69
C SER B 470 -0.15 -21.37 7.96
N PHE B 471 -0.24 -22.60 8.46
CA PHE B 471 -1.12 -23.59 7.84
C PHE B 471 -2.58 -23.18 7.93
N TRP B 472 -3.01 -22.66 9.09
CA TRP B 472 -4.41 -22.31 9.27
C TRP B 472 -4.79 -21.07 8.47
N LYS B 473 -3.88 -20.10 8.39
CA LYS B 473 -4.16 -18.89 7.61
C LYS B 473 -4.30 -19.21 6.13
N THR B 474 -3.42 -20.04 5.59
CA THR B 474 -3.45 -20.40 4.17
C THR B 474 -3.03 -21.87 4.03
N PRO B 475 -3.98 -22.79 3.93
CA PRO B 475 -3.63 -24.21 3.84
C PRO B 475 -3.38 -24.72 2.43
N VAL B 476 -3.97 -24.09 1.41
CA VAL B 476 -3.81 -24.58 0.04
C VAL B 476 -2.38 -24.39 -0.44
N GLU B 477 -1.83 -23.18 -0.25
CA GLU B 477 -0.46 -22.93 -0.69
C GLU B 477 0.53 -23.79 0.07
N CYS B 478 0.32 -23.95 1.38
CA CYS B 478 1.19 -24.82 2.17
C CYS B 478 1.10 -26.26 1.71
N GLY B 479 -0.09 -26.71 1.32
CA GLY B 479 -0.23 -28.06 0.80
C GLY B 479 0.50 -28.26 -0.52
N ILE B 480 0.42 -27.27 -1.42
CA ILE B 480 1.18 -27.39 -2.66
C ILE B 480 2.68 -27.40 -2.37
N GLY B 481 3.13 -26.56 -1.44
CA GLY B 481 4.53 -26.58 -1.07
C GLY B 481 4.98 -27.92 -0.51
N PHE B 482 4.13 -28.53 0.33
CA PHE B 482 4.42 -29.85 0.86
C PHE B 482 4.50 -30.88 -0.27
N THR B 483 3.60 -30.78 -1.25
CA THR B 483 3.67 -31.68 -2.39
C THR B 483 4.99 -31.52 -3.15
N ILE B 484 5.42 -30.27 -3.35
CA ILE B 484 6.66 -30.04 -4.08
C ILE B 484 7.86 -30.61 -3.33
N ILE B 485 7.93 -30.40 -2.01
CA ILE B 485 9.07 -30.91 -1.27
C ILE B 485 9.05 -32.44 -1.24
N LEU B 486 7.86 -33.03 -1.08
CA LEU B 486 7.77 -34.49 -1.05
C LEU B 486 8.07 -35.13 -2.40
N SER B 487 7.82 -34.42 -3.50
CA SER B 487 8.03 -34.99 -4.82
C SER B 487 9.49 -35.05 -5.24
N GLY B 488 10.40 -34.47 -4.46
CA GLY B 488 11.80 -34.46 -4.82
C GLY B 488 12.60 -35.68 -4.43
N LEU B 489 11.98 -36.64 -3.75
CA LEU B 489 12.70 -37.86 -3.37
C LEU B 489 13.18 -38.68 -4.56
N PRO B 490 12.42 -38.85 -5.66
CA PRO B 490 12.93 -39.65 -6.78
C PRO B 490 14.31 -39.23 -7.28
N VAL B 491 14.60 -37.92 -7.30
CA VAL B 491 15.88 -37.47 -7.85
C VAL B 491 17.05 -38.00 -7.04
N TYR B 492 16.84 -38.28 -5.75
CA TYR B 492 17.87 -38.87 -4.92
C TYR B 492 17.79 -40.39 -4.89
N PHE B 493 16.59 -40.94 -5.03
CA PHE B 493 16.44 -42.40 -5.04
C PHE B 493 17.18 -43.02 -6.22
N PHE B 494 17.13 -42.37 -7.38
CA PHE B 494 17.77 -42.87 -8.60
C PHE B 494 18.91 -41.95 -9.04
N GLY B 495 19.51 -41.22 -8.11
CA GLY B 495 20.60 -40.34 -8.47
C GLY B 495 21.93 -40.70 -7.84
N VAL B 496 21.89 -41.26 -6.63
CA VAL B 496 23.09 -41.67 -5.90
C VAL B 496 23.03 -43.15 -5.53
N TRP B 497 21.87 -43.61 -5.05
CA TRP B 497 21.73 -45.01 -4.65
C TRP B 497 22.04 -45.95 -5.79
N TRP B 498 21.67 -45.59 -7.02
CA TRP B 498 21.91 -46.44 -8.19
C TRP B 498 23.39 -46.38 -8.54
N LYS B 499 24.18 -47.10 -7.74
CA LYS B 499 25.63 -47.18 -7.96
C LYS B 499 25.93 -48.22 -9.02
N ASN B 500 27.21 -48.59 -9.14
CA ASN B 500 27.74 -49.60 -10.05
C ASN B 500 27.14 -49.48 -11.46
N LYS B 501 27.02 -48.25 -11.96
CA LYS B 501 26.55 -48.03 -13.31
C LYS B 501 27.62 -48.46 -14.31
N PRO B 502 27.21 -48.86 -15.53
CA PRO B 502 28.20 -49.26 -16.53
C PRO B 502 29.03 -48.08 -17.04
N LYS B 503 29.92 -48.35 -18.00
CA LYS B 503 30.88 -47.36 -18.48
C LYS B 503 30.33 -46.52 -19.62
N TRP B 504 29.01 -46.35 -19.72
CA TRP B 504 28.41 -45.53 -20.75
C TRP B 504 28.04 -44.13 -20.25
N LEU B 505 28.12 -43.87 -18.96
CA LEU B 505 27.73 -42.58 -18.41
C LEU B 505 28.82 -41.95 -17.55
N LEU B 506 29.56 -42.74 -16.78
CA LEU B 506 30.59 -42.18 -15.90
C LEU B 506 31.71 -41.51 -16.68
N GLN B 507 32.13 -42.15 -17.79
CA GLN B 507 33.23 -41.59 -18.57
C GLN B 507 32.85 -40.25 -19.19
N GLY B 508 31.59 -40.11 -19.62
CA GLY B 508 31.15 -38.83 -20.16
C GLY B 508 31.13 -37.75 -19.11
N ILE B 509 30.69 -38.08 -17.89
CA ILE B 509 30.70 -37.11 -16.81
C ILE B 509 32.12 -36.68 -16.47
N PHE B 510 33.04 -37.65 -16.43
CA PHE B 510 34.44 -37.31 -16.15
C PHE B 510 35.02 -36.44 -17.26
N SER B 511 34.69 -36.73 -18.52
CA SER B 511 35.17 -35.92 -19.63
C SER B 511 34.65 -34.50 -19.53
N THR B 512 33.36 -34.35 -19.22
CA THR B 512 32.79 -33.01 -19.04
C THR B 512 33.47 -32.28 -17.90
N THR B 513 33.75 -32.99 -16.80
CA THR B 513 34.41 -32.36 -15.67
C THR B 513 35.81 -31.88 -16.04
N VAL B 514 36.58 -32.70 -16.76
CA VAL B 514 37.95 -32.28 -17.08
C VAL B 514 37.94 -31.13 -18.08
N LEU B 515 37.02 -31.15 -19.05
CA LEU B 515 37.00 -30.02 -19.99
C LEU B 515 36.55 -28.74 -19.31
N CYS B 516 35.60 -28.84 -18.37
CA CYS B 516 35.21 -27.67 -17.60
C CYS B 516 36.37 -27.16 -16.73
N GLN B 517 37.13 -28.09 -16.15
CA GLN B 517 38.31 -27.70 -15.38
C GLN B 517 39.31 -26.95 -16.25
N LYS B 518 39.54 -27.46 -17.47
CA LYS B 518 40.46 -26.78 -18.39
C LYS B 518 39.93 -25.41 -18.78
N LEU B 519 38.61 -25.30 -19.01
CA LEU B 519 38.02 -24.02 -19.41
C LEU B 519 38.13 -22.99 -18.29
N MET B 520 37.90 -23.40 -17.05
CA MET B 520 37.83 -22.47 -15.93
C MET B 520 39.11 -22.36 -15.13
N GLN B 521 40.08 -23.26 -15.36
CA GLN B 521 41.37 -23.24 -14.66
C GLN B 521 41.17 -23.32 -13.14
N VAL B 522 40.63 -24.45 -12.71
CA VAL B 522 40.34 -24.70 -11.31
C VAL B 522 41.05 -25.98 -10.86
N VAL B 523 41.24 -26.09 -9.56
CA VAL B 523 41.85 -27.27 -8.95
C VAL B 523 41.01 -27.68 -7.75
N PRO B 524 41.04 -28.96 -7.37
CA PRO B 524 40.24 -29.40 -6.23
C PRO B 524 40.86 -28.92 -4.92
N GLN B 525 40.03 -28.91 -3.88
CA GLN B 525 40.47 -28.46 -2.57
C GLN B 525 41.58 -29.35 -2.03
N GLU B 526 42.64 -28.73 -1.52
CA GLU B 526 43.79 -29.43 -0.99
C GLU B 526 43.76 -29.41 0.53
N THR B 527 44.31 -30.48 1.12
CA THR B 527 44.37 -30.57 2.58
C THR B 527 45.82 -30.56 3.06
C1 NAG C . -36.37 32.26 -6.85
C2 NAG C . -37.52 31.80 -7.72
C3 NAG C . -38.56 32.91 -7.90
C4 NAG C . -38.92 33.52 -6.56
C5 NAG C . -37.67 33.89 -5.78
C6 NAG C . -38.01 34.48 -4.41
C7 NAG C . -36.09 32.06 -9.67
C8 NAG C . -34.84 31.30 -9.98
N2 NAG C . -37.04 31.39 -9.03
O3 NAG C . -39.72 32.35 -8.53
O4 NAG C . -39.70 34.70 -6.76
O5 NAG C . -36.88 32.73 -5.60
O6 NAG C . -39.21 33.86 -3.92
O7 NAG C . -36.22 33.25 -9.99
C1 NAG C . -41.08 34.36 -6.59
C2 NAG C . -41.81 35.50 -5.90
C3 NAG C . -43.28 35.16 -5.71
C4 NAG C . -43.89 34.63 -7.01
C5 NAG C . -43.02 33.54 -7.62
C6 NAG C . -43.59 33.08 -8.94
C7 NAG C . -40.45 36.85 -4.44
C8 NAG C . -40.42 37.83 -5.58
N2 NAG C . -41.20 35.78 -4.62
O3 NAG C . -43.98 36.33 -5.28
O4 NAG C . -45.20 34.11 -6.74
O5 NAG C . -41.71 34.06 -7.82
O6 NAG C . -43.80 34.22 -9.78
O7 NAG C . -39.82 37.04 -3.42
C1 NAG D . -9.02 41.00 -6.32
C2 NAG D . -8.46 40.76 -7.72
C3 NAG D . -7.32 41.71 -8.05
C4 NAG D . -7.52 43.12 -7.53
C5 NAG D . -8.15 43.15 -6.15
C6 NAG D . -8.48 44.57 -5.72
C7 NAG D . -7.21 38.84 -6.88
C8 NAG D . -7.68 37.51 -6.35
N2 NAG D . -7.99 39.40 -7.81
O3 NAG D . -7.15 41.76 -9.49
O4 NAG D . -6.22 43.70 -7.44
O5 NAG D . -9.34 42.38 -6.16
O6 NAG D . -9.00 45.30 -6.84
O7 NAG D . -6.19 39.36 -6.47
C1 NAG D . -6.06 44.80 -8.36
C2 NAG D . -5.27 44.46 -9.59
C3 NAG D . -4.76 45.76 -10.21
C4 NAG D . -5.88 46.78 -10.33
C5 NAG D . -6.80 46.83 -9.11
C6 NAG D . -8.01 47.70 -9.37
C7 NAG D . -4.23 42.30 -9.31
C8 NAG D . -3.77 41.56 -8.08
N2 NAG D . -4.14 43.63 -9.24
O3 NAG D . -4.21 45.48 -11.50
O4 NAG D . -5.28 48.07 -10.50
O5 NAG D . -7.22 45.51 -8.76
O6 NAG D . -7.56 49.05 -9.53
O7 NAG D . -4.68 41.74 -10.29
C1 NAG E . -38.72 -2.19 4.12
C2 NAG E . -39.27 -1.57 2.85
C3 NAG E . -40.75 -1.92 2.72
C4 NAG E . -40.96 -3.42 2.73
C5 NAG E . -40.12 -4.10 3.82
C6 NAG E . -40.00 -5.59 3.52
C7 NAG E . -39.95 0.74 3.28
C8 NAG E . -40.41 1.73 2.25
N2 NAG E . -39.05 -0.14 2.86
O3 NAG E . -41.24 -1.36 1.49
O4 NAG E . -42.34 -3.75 2.97
O5 NAG E . -38.79 -3.60 3.93
O6 NAG E . -40.61 -5.89 2.28
O7 NAG E . -40.38 0.76 4.42
C1 NAG E . -43.22 -3.51 1.86
C2 NAG E . -44.48 -4.35 1.90
C3 NAG E . -45.27 -4.08 0.62
C4 NAG E . -45.43 -2.60 0.34
C5 NAG E . -44.15 -1.81 0.60
C6 NAG E . -44.36 -0.30 0.59
C7 NAG E . -44.10 -6.30 3.23
C8 NAG E . -44.07 -7.79 3.24
N2 NAG E . -44.15 -5.74 2.03
O3 NAG E . -46.57 -4.69 0.75
O4 NAG E . -45.80 -2.42 -1.03
O5 NAG E . -43.67 -2.16 1.88
O6 NAG E . -43.48 0.31 1.55
O7 NAG E . -44.07 -5.62 4.25
C1 NAG F . -20.14 22.57 -27.23
C2 NAG F . -18.88 23.38 -27.47
C3 NAG F . -18.72 23.56 -28.96
C4 NAG F . -19.13 22.35 -29.81
C5 NAG F . -20.07 21.34 -29.16
C6 NAG F . -19.82 19.94 -29.71
C7 NAG F . -19.42 25.74 -27.43
C8 NAG F . -20.91 25.94 -27.39
N2 NAG F . -18.97 24.65 -26.81
O3 NAG F . -17.34 23.85 -29.23
O4 NAG F . -19.80 22.85 -30.97
O5 NAG F . -19.91 21.28 -27.75
O6 NAG F . -18.42 19.76 -29.90
O7 NAG F . -18.68 26.50 -28.01
C1 NAG F . -18.98 22.63 -32.12
C2 NAG F . -18.06 23.82 -32.34
C3 NAG F . -17.23 23.63 -33.59
C4 NAG F . -16.48 22.30 -33.50
C5 NAG F . -17.43 21.17 -33.15
C6 NAG F . -16.66 19.88 -32.91
C7 NAG F . -18.96 25.84 -31.39
C8 NAG F . -20.35 26.24 -31.01
N2 NAG F . -18.84 25.04 -32.44
O3 NAG F . -16.30 24.70 -33.72
O4 NAG F . -15.85 22.04 -34.76
O5 NAG F . -18.17 21.47 -31.98
O6 NAG F . -16.14 19.89 -31.58
O7 NAG F . -17.98 26.23 -30.77
N1 VRW G . 11.89 -15.74 1.20
N3 VRW G . 11.65 -20.51 3.26
C4 VRW G . 12.66 -13.33 0.78
C5 VRW G . 11.75 -13.15 -0.40
C6 VRW G . 11.67 -11.81 -1.14
C2 VRW G . 13.47 -10.83 0.50
C1 VRW G . 12.53 -10.64 -0.69
C3 VRW G . 13.52 -12.17 1.22
C7 VRW G . 12.71 -14.69 1.48
C8 VRW G . 12.23 -16.75 2.01
C9 VRW G . 11.65 -18.19 2.15
C10 VRW G . 12.22 -19.13 3.16
C11 VRW G . 13.34 -18.69 4.04
C12 VRW G . 13.89 -17.29 3.89
C13 VRW G . 13.28 -16.32 2.82
O1 VRW G . 13.57 -15.06 2.50
C14 VRW G . 15.05 -16.80 4.79
O2 VRW G . 14.59 -15.91 5.78
C15 VRW G . 14.49 -14.58 5.39
C16 VRW G . 15.62 -13.91 4.58
C17 VRW G . 15.48 -12.44 4.17
C18 VRW G . 14.23 -11.64 4.57
C19 VRW G . 13.12 -12.31 5.37
C20 VRW G . 13.27 -13.79 5.78
CL1 VRW G . 11.97 -14.57 6.73
C21 VRW G . 14.08 -10.13 4.15
C22 VRW G . 14.66 -9.18 5.19
C23 VRW G . 14.12 -7.77 4.86
O3 VRW G . 14.26 -6.83 5.68
O4 VRW G . 13.54 -7.57 3.75
N2 VRW G . 14.26 -9.54 6.52
CL2 VRW G . 17.06 -14.84 4.11
#